data_8FBU
#
_entry.id   8FBU
#
_cell.length_a   53.777
_cell.length_b   88.228
_cell.length_c   98.060
_cell.angle_alpha   90.00
_cell.angle_beta   97.83
_cell.angle_gamma   90.00
#
_symmetry.space_group_name_H-M   'P 1 21 1'
#
loop_
_entity.id
_entity.type
_entity.pdbx_description
1 polymer 'Glycylpeptide N-tetradecanoyltransferase'
2 non-polymer TETRADECANOYL-COA
3 non-polymer (2M)-2-[2-(piperazin-1-yl)phenyl]-N-(1,3-thiazol-2-yl)-1H-benzimidazole-4-carboxamide
4 non-polymer 'TETRAETHYLENE GLYCOL'
5 non-polymer 'PENTAETHYLENE GLYCOL'
6 non-polymer 'TRIETHYLENE GLYCOL'
7 non-polymer 1,2-ETHANEDIOL
8 non-polymer 'CHLORIDE ION'
9 water water
#
_entity_poly.entity_id   1
_entity_poly.type   'polypeptide(L)'
_entity_poly.pdbx_seq_one_letter_code
;GPGSKPHKFWNTQPVVQNDDSSSEYSFGPIEIEPDSFRKEIYKLPDGFSWFDCNLWDIESQDFEDTYQLLKDHYVEDDDS
QFRFNYSKEFLRWALCVPGQKKNWLVGVRVNETKKMVGFISAIPIKVRIHNCIMNTSVVNFLCVHKKLRSKRLAPVLIKE
ITRRIRCEKIFQSIYTCGKNITKPFTIGTYWHRIINVKKLLEAGFIGIPRNMTMSSLIKYHRIPADKRIEGFRPSVDSDA
EQICKLFENYFMKYKDVSNETMNNLINYDEINHSKELGKQAYMKLDKIEDLQDKITIHQCFNVEDVKHYFTNIDKVIVTY
VRENKNKEITDLFSFFIIESTVINNERFPTINIAYSYFNIANTCSLKELFNEMLITAKNNNCDAFNTLDLMQNLQVIQDS
KFIIGTGRLRYYVFNWKIPQISPSNVGIILF
;
_entity_poly.pdbx_strand_id   A,B
#
loop_
_chem_comp.id
_chem_comp.type
_chem_comp.name
_chem_comp.formula
1PE non-polymer 'PENTAETHYLENE GLYCOL' 'C10 H22 O6'
CL non-polymer 'CHLORIDE ION' 'Cl -1'
EDO non-polymer 1,2-ETHANEDIOL 'C2 H6 O2'
MYA non-polymer TETRADECANOYL-COA 'C35 H62 N7 O17 P3 S'
PG4 non-polymer 'TETRAETHYLENE GLYCOL' 'C8 H18 O5'
PGE non-polymer 'TRIETHYLENE GLYCOL' 'C6 H14 O4'
XOL non-polymer (2M)-2-[2-(piperazin-1-yl)phenyl]-N-(1,3-thiazol-2-yl)-1H-benzimidazole-4-carboxamide 'C21 H20 N6 O S'
#
# COMPACT_ATOMS: atom_id res chain seq x y z
N PRO A 6 -34.72 8.79 0.68
CA PRO A 6 -34.29 7.43 0.38
C PRO A 6 -33.09 7.41 -0.56
N HIS A 7 -32.09 6.65 -0.18
CA HIS A 7 -30.89 6.55 -0.97
C HIS A 7 -31.08 5.58 -2.13
N LYS A 8 -30.31 5.79 -3.18
CA LYS A 8 -30.20 4.81 -4.25
C LYS A 8 -28.81 4.25 -4.36
N PHE A 9 -27.81 4.95 -3.85
CA PHE A 9 -26.45 4.45 -3.85
C PHE A 9 -26.06 3.91 -2.48
N TRP A 10 -26.28 4.70 -1.42
CA TRP A 10 -25.78 4.33 -0.09
C TRP A 10 -26.55 3.15 0.49
N ASN A 11 -27.76 2.87 0.00
CA ASN A 11 -28.46 1.69 0.45
C ASN A 11 -27.82 0.41 -0.04
N THR A 12 -26.91 0.47 -1.02
CA THR A 12 -26.30 -0.74 -1.57
C THR A 12 -24.93 -1.02 -0.96
N GLN A 13 -24.46 -0.17 -0.09
CA GLN A 13 -23.07 -0.14 0.33
C GLN A 13 -22.92 -0.74 1.72
N PRO A 14 -21.77 -1.40 1.98
CA PRO A 14 -21.51 -1.94 3.33
C PRO A 14 -21.29 -0.87 4.40
N VAL A 15 -22.34 -0.13 4.75
CA VAL A 15 -22.29 0.83 5.84
C VAL A 15 -23.53 0.62 6.71
N VAL A 16 -23.43 1.03 7.98
CA VAL A 16 -24.62 0.94 8.81
C VAL A 16 -25.67 1.93 8.29
N GLN A 17 -26.85 1.43 8.00
CA GLN A 17 -27.92 2.28 7.47
C GLN A 17 -28.62 3.02 8.62
N ASN A 18 -29.27 4.13 8.28
CA ASN A 18 -30.05 4.87 9.27
C ASN A 18 -31.16 3.99 9.86
N ASP A 19 -31.78 3.14 9.05
CA ASP A 19 -32.86 2.27 9.56
C ASP A 19 -32.33 1.13 10.42
N ASP A 20 -31.05 1.14 10.77
CA ASP A 20 -30.39 -0.03 11.34
C ASP A 20 -30.96 -0.36 12.71
N SER A 21 -31.48 -1.56 12.82
CA SER A 21 -31.82 -2.16 14.10
C SER A 21 -30.70 -3.13 14.43
N SER A 22 -29.84 -2.76 15.36
CA SER A 22 -28.76 -3.62 15.83
C SER A 22 -29.11 -4.08 17.23
N SER A 23 -29.17 -5.40 17.42
CA SER A 23 -29.45 -5.92 18.75
C SER A 23 -28.48 -5.34 19.77
N GLU A 24 -27.18 -5.45 19.50
CA GLU A 24 -26.14 -5.13 20.46
C GLU A 24 -25.14 -4.13 19.89
N TYR A 25 -24.35 -3.56 20.80
CA TYR A 25 -23.19 -2.73 20.44
C TYR A 25 -22.05 -3.69 20.06
N SER A 26 -21.69 -3.70 18.78
N SER A 26 -21.69 -3.73 18.79
CA SER A 26 -20.65 -4.59 18.28
CA SER A 26 -20.59 -4.58 18.36
C SER A 26 -19.66 -3.79 17.44
C SER A 26 -19.66 -3.81 17.45
N PHE A 27 -18.46 -4.36 17.30
CA PHE A 27 -17.44 -3.83 16.41
C PHE A 27 -17.10 -4.92 15.42
N GLY A 28 -16.58 -4.53 14.28
CA GLY A 28 -16.10 -5.49 13.31
C GLY A 28 -16.44 -5.15 11.88
N PRO A 29 -15.87 -5.91 10.96
CA PRO A 29 -16.20 -5.72 9.54
C PRO A 29 -17.67 -5.97 9.27
N ILE A 30 -18.25 -5.15 8.39
CA ILE A 30 -19.61 -5.44 7.94
C ILE A 30 -19.62 -6.57 6.95
N GLU A 31 -18.71 -6.56 5.99
CA GLU A 31 -18.54 -7.68 5.06
C GLU A 31 -17.06 -8.01 4.91
N ILE A 32 -16.78 -9.27 4.61
CA ILE A 32 -15.43 -9.75 4.34
C ILE A 32 -15.47 -10.31 2.91
N GLU A 33 -15.03 -9.52 1.95
CA GLU A 33 -15.23 -9.81 0.53
C GLU A 33 -13.94 -9.46 -0.19
N PRO A 34 -12.89 -10.23 0.05
CA PRO A 34 -11.57 -9.85 -0.48
C PRO A 34 -11.46 -10.03 -1.98
N ASP A 35 -12.36 -10.77 -2.60
CA ASP A 35 -12.21 -11.19 -3.99
C ASP A 35 -13.40 -10.85 -4.87
N SER A 36 -14.49 -10.33 -4.33
CA SER A 36 -15.74 -10.26 -5.07
C SER A 36 -16.09 -8.85 -5.51
N PHE A 37 -15.24 -7.88 -5.23
CA PHE A 37 -15.52 -6.51 -5.65
C PHE A 37 -15.29 -6.31 -7.15
N ARG A 38 -15.95 -5.30 -7.68
CA ARG A 38 -15.76 -4.93 -9.06
C ARG A 38 -14.35 -4.41 -9.28
N LYS A 39 -13.67 -4.94 -10.30
CA LYS A 39 -12.30 -4.55 -10.55
C LYS A 39 -12.17 -3.67 -11.77
N GLU A 40 -13.13 -3.73 -12.68
CA GLU A 40 -13.11 -2.91 -13.86
C GLU A 40 -13.37 -1.43 -13.56
N ILE A 41 -12.61 -0.56 -14.23
CA ILE A 41 -12.78 0.88 -14.07
C ILE A 41 -14.24 1.27 -14.37
N TYR A 42 -14.76 2.24 -13.63
CA TYR A 42 -16.14 2.70 -13.86
C TYR A 42 -16.21 3.68 -15.02
N LYS A 43 -17.27 3.57 -15.82
N LYS A 43 -17.27 3.57 -15.82
CA LYS A 43 -17.45 4.45 -16.97
CA LYS A 43 -17.45 4.44 -16.98
C LYS A 43 -17.88 5.85 -16.55
C LYS A 43 -17.90 5.83 -16.56
N LEU A 44 -17.24 6.84 -17.11
CA LEU A 44 -17.66 8.22 -16.99
C LEU A 44 -18.53 8.56 -18.18
N PRO A 45 -19.25 9.68 -18.12
CA PRO A 45 -19.95 10.16 -19.33
C PRO A 45 -18.98 10.27 -20.50
N ASP A 46 -19.47 10.00 -21.71
CA ASP A 46 -18.63 10.17 -22.90
C ASP A 46 -18.01 11.56 -22.93
N GLY A 47 -16.74 11.62 -23.35
CA GLY A 47 -16.02 12.86 -23.39
C GLY A 47 -15.27 13.20 -22.12
N PHE A 48 -15.39 12.36 -21.07
CA PHE A 48 -14.70 12.54 -19.81
C PHE A 48 -13.75 11.38 -19.60
N SER A 49 -12.70 11.62 -18.83
CA SER A 49 -11.69 10.59 -18.61
C SER A 49 -11.11 10.80 -17.23
N TRP A 50 -10.83 9.70 -16.57
CA TRP A 50 -10.06 9.68 -15.34
C TRP A 50 -8.62 10.03 -15.58
N PHE A 51 -8.00 10.65 -14.58
CA PHE A 51 -6.54 10.74 -14.59
C PHE A 51 -6.02 10.71 -13.16
N ASP A 52 -4.80 10.17 -13.01
CA ASP A 52 -4.07 10.19 -11.74
C ASP A 52 -3.52 11.60 -11.56
N CYS A 53 -3.98 12.29 -10.53
N CYS A 53 -4.01 12.29 -10.53
CA CYS A 53 -3.67 13.70 -10.38
CA CYS A 53 -3.64 13.69 -10.33
C CYS A 53 -2.26 13.87 -9.82
C CYS A 53 -2.22 13.81 -9.83
N ASN A 54 -1.37 14.47 -10.61
CA ASN A 54 0.02 14.68 -10.23
C ASN A 54 0.13 15.85 -9.26
N LEU A 55 -0.11 15.55 -8.00
CA LEU A 55 0.14 16.51 -6.93
C LEU A 55 1.53 16.34 -6.34
N TRP A 56 2.41 15.57 -7.02
CA TRP A 56 3.76 15.29 -6.55
C TRP A 56 4.74 16.40 -6.91
N ASP A 57 4.33 17.33 -7.76
CA ASP A 57 5.12 18.51 -8.09
C ASP A 57 4.14 19.68 -8.01
N ILE A 58 4.32 20.52 -6.98
CA ILE A 58 3.39 21.60 -6.70
C ILE A 58 3.30 22.63 -7.83
N GLU A 59 4.22 22.56 -8.79
CA GLU A 59 4.15 23.43 -9.95
C GLU A 59 3.41 22.81 -11.13
N SER A 60 2.84 21.62 -10.98
CA SER A 60 2.32 20.98 -12.17
C SER A 60 0.97 21.56 -12.59
N GLN A 61 0.62 21.29 -13.84
CA GLN A 61 -0.69 21.70 -14.34
C GLN A 61 -1.83 21.00 -13.60
N ASP A 62 -1.68 19.70 -13.29
CA ASP A 62 -2.70 19.02 -12.50
C ASP A 62 -2.95 19.74 -11.17
N PHE A 63 -1.87 20.07 -10.47
CA PHE A 63 -2.02 20.74 -9.19
C PHE A 63 -2.72 22.07 -9.36
N GLU A 64 -2.39 22.83 -10.40
CA GLU A 64 -3.08 24.09 -10.67
C GLU A 64 -4.55 23.84 -10.95
N ASP A 65 -4.86 22.90 -11.86
CA ASP A 65 -6.25 22.55 -12.13
C ASP A 65 -6.99 22.10 -10.87
N THR A 66 -6.35 21.27 -10.04
CA THR A 66 -7.01 20.83 -8.81
C THR A 66 -7.27 22.02 -7.85
N TYR A 67 -6.27 22.88 -7.71
CA TYR A 67 -6.43 24.06 -6.86
C TYR A 67 -7.60 24.89 -7.36
N GLN A 68 -7.70 25.06 -8.68
CA GLN A 68 -8.77 25.89 -9.23
C GLN A 68 -10.13 25.24 -9.05
N LEU A 69 -10.24 23.94 -9.36
CA LEU A 69 -11.49 23.23 -9.12
C LEU A 69 -11.95 23.40 -7.67
N LEU A 70 -11.08 23.08 -6.69
CA LEU A 70 -11.51 23.23 -5.31
C LEU A 70 -11.82 24.70 -4.98
N LYS A 71 -11.00 25.64 -5.46
CA LYS A 71 -11.20 27.02 -5.07
C LYS A 71 -12.61 27.47 -5.45
N ASP A 72 -13.10 27.01 -6.61
CA ASP A 72 -14.36 27.53 -7.14
C ASP A 72 -15.55 26.59 -6.89
N HIS A 73 -15.31 25.34 -6.51
CA HIS A 73 -16.39 24.37 -6.45
C HIS A 73 -16.40 23.49 -5.22
N TYR A 74 -15.53 23.71 -4.26
CA TYR A 74 -15.51 22.80 -3.12
C TYR A 74 -16.44 23.32 -2.03
N VAL A 75 -16.24 22.87 -0.78
CA VAL A 75 -17.25 23.05 0.25
C VAL A 75 -17.53 24.53 0.52
N GLU A 76 -18.82 24.87 0.57
CA GLU A 76 -19.31 26.16 1.02
C GLU A 76 -20.20 25.98 2.25
N ASP A 77 -20.51 27.07 2.94
CA ASP A 77 -21.50 27.00 4.01
C ASP A 77 -22.91 26.99 3.39
N ASP A 78 -23.92 26.62 4.20
N ASP A 78 -23.92 26.64 4.20
CA ASP A 78 -25.27 26.44 3.69
CA ASP A 78 -25.26 26.43 3.64
C ASP A 78 -25.78 27.69 2.96
C ASP A 78 -25.82 27.69 2.99
N ASP A 79 -25.37 28.87 3.41
CA ASP A 79 -25.81 30.13 2.81
C ASP A 79 -24.94 30.63 1.68
N SER A 80 -23.87 29.92 1.33
CA SER A 80 -23.01 30.31 0.21
C SER A 80 -22.42 31.71 0.43
N GLN A 81 -21.94 31.96 1.64
CA GLN A 81 -21.17 33.14 1.99
C GLN A 81 -19.66 32.90 1.97
N PHE A 82 -19.22 31.69 2.27
CA PHE A 82 -17.81 31.32 2.32
C PHE A 82 -17.58 30.02 1.60
N ARG A 83 -16.46 29.96 0.90
CA ARG A 83 -16.00 28.72 0.28
C ARG A 83 -14.54 28.47 0.65
N PHE A 84 -14.22 27.22 0.96
CA PHE A 84 -12.85 26.89 1.27
C PHE A 84 -11.93 27.20 0.08
N ASN A 85 -10.73 27.68 0.41
CA ASN A 85 -9.70 28.01 -0.55
C ASN A 85 -8.39 27.36 -0.09
N TYR A 86 -8.37 26.03 -0.12
CA TYR A 86 -7.19 25.27 0.26
C TYR A 86 -6.00 25.66 -0.61
N SER A 87 -4.87 26.03 0.00
CA SER A 87 -3.68 26.34 -0.78
C SER A 87 -3.06 25.06 -1.35
N LYS A 88 -2.21 25.24 -2.35
CA LYS A 88 -1.45 24.10 -2.91
C LYS A 88 -0.53 23.49 -1.86
N GLU A 89 0.06 24.30 -1.01
CA GLU A 89 0.96 23.79 0.01
C GLU A 89 0.19 22.97 1.03
N PHE A 90 -1.03 23.41 1.35
CA PHE A 90 -1.88 22.61 2.24
C PHE A 90 -2.23 21.28 1.59
N LEU A 91 -2.73 21.33 0.35
CA LEU A 91 -3.11 20.11 -0.35
C LEU A 91 -1.95 19.14 -0.43
N ARG A 92 -0.74 19.65 -0.63
CA ARG A 92 0.42 18.78 -0.72
C ARG A 92 0.69 18.09 0.61
N TRP A 93 0.56 18.85 1.71
CA TRP A 93 0.71 18.31 3.07
C TRP A 93 -0.41 17.33 3.39
N ALA A 94 -1.61 17.59 2.89
CA ALA A 94 -2.79 16.82 3.28
C ALA A 94 -2.92 15.54 2.48
N LEU A 95 -2.32 15.50 1.31
CA LEU A 95 -2.53 14.43 0.37
C LEU A 95 -1.27 13.69 -0.02
N CYS A 96 -0.09 14.31 0.02
CA CYS A 96 1.15 13.58 -0.26
C CYS A 96 1.75 13.10 1.06
N VAL A 97 1.06 12.18 1.69
CA VAL A 97 1.40 11.73 3.03
C VAL A 97 2.25 10.46 2.90
N PRO A 98 2.86 10.01 3.98
CA PRO A 98 3.68 8.79 3.91
C PRO A 98 2.83 7.60 3.57
N GLY A 99 3.26 6.87 2.54
CA GLY A 99 2.57 5.70 2.08
C GLY A 99 1.56 5.96 0.99
N GLN A 100 1.43 7.18 0.54
CA GLN A 100 0.39 7.51 -0.43
C GLN A 100 0.63 6.81 -1.77
N LYS A 101 -0.45 6.50 -2.47
CA LYS A 101 -0.42 5.85 -3.77
C LYS A 101 -0.75 6.87 -4.85
N LYS A 102 -0.04 6.79 -5.96
CA LYS A 102 -0.30 7.72 -7.06
C LYS A 102 -1.74 7.61 -7.51
N ASN A 103 -2.33 6.43 -7.45
CA ASN A 103 -3.65 6.28 -8.01
C ASN A 103 -4.74 6.61 -7.01
N TRP A 104 -4.40 7.08 -5.81
CA TRP A 104 -5.44 7.46 -4.87
C TRP A 104 -5.80 8.94 -4.98
N LEU A 105 -5.19 9.65 -5.92
CA LEU A 105 -5.54 11.03 -6.22
C LEU A 105 -6.19 11.05 -7.61
N VAL A 106 -7.51 11.19 -7.63
CA VAL A 106 -8.31 10.80 -8.76
C VAL A 106 -9.00 12.03 -9.33
N GLY A 107 -8.70 12.31 -10.59
CA GLY A 107 -9.29 13.43 -11.26
C GLY A 107 -10.20 13.04 -12.39
N VAL A 108 -11.10 13.95 -12.76
CA VAL A 108 -11.95 13.79 -13.93
C VAL A 108 -11.74 14.99 -14.84
N ARG A 109 -11.41 14.70 -16.09
CA ARG A 109 -11.05 15.70 -17.08
C ARG A 109 -12.04 15.67 -18.23
N VAL A 110 -12.29 16.83 -18.85
CA VAL A 110 -13.01 16.90 -20.11
C VAL A 110 -11.99 16.76 -21.23
N ASN A 111 -12.18 15.75 -22.09
CA ASN A 111 -11.18 15.49 -23.11
C ASN A 111 -11.05 16.63 -24.10
N GLU A 112 -12.19 17.24 -24.47
CA GLU A 112 -12.16 18.25 -25.52
C GLU A 112 -11.42 19.50 -25.06
N THR A 113 -11.61 19.88 -23.81
CA THR A 113 -11.04 21.10 -23.27
C THR A 113 -9.90 20.87 -22.29
N LYS A 114 -9.67 19.64 -21.84
CA LYS A 114 -8.74 19.29 -20.76
C LYS A 114 -9.12 19.94 -19.42
N LYS A 115 -10.32 20.46 -19.29
N LYS A 115 -10.33 20.46 -19.29
CA LYS A 115 -10.71 21.12 -18.06
CA LYS A 115 -10.75 21.10 -18.05
C LYS A 115 -11.05 20.07 -17.00
C LYS A 115 -11.03 20.03 -17.00
N MET A 116 -10.49 20.23 -15.82
CA MET A 116 -10.72 19.31 -14.72
C MET A 116 -12.06 19.67 -14.09
N VAL A 117 -12.95 18.69 -13.95
CA VAL A 117 -14.31 18.94 -13.48
C VAL A 117 -14.68 18.09 -12.28
N GLY A 118 -13.75 17.26 -11.79
CA GLY A 118 -14.04 16.42 -10.65
C GLY A 118 -12.78 15.92 -10.00
N PHE A 119 -12.87 15.71 -8.70
CA PHE A 119 -11.73 15.22 -7.94
C PHE A 119 -12.27 14.39 -6.77
N ILE A 120 -11.50 13.37 -6.42
CA ILE A 120 -11.70 12.70 -5.15
C ILE A 120 -10.34 12.14 -4.74
N SER A 121 -10.12 12.08 -3.44
CA SER A 121 -8.83 11.62 -2.96
C SER A 121 -9.02 10.64 -1.83
N ALA A 122 -7.99 9.82 -1.61
CA ALA A 122 -7.92 9.04 -0.39
C ALA A 122 -6.49 9.07 0.12
N ILE A 123 -6.32 9.05 1.44
CA ILE A 123 -4.99 8.96 1.99
C ILE A 123 -4.94 7.73 2.88
N PRO A 124 -3.82 7.04 2.94
CA PRO A 124 -3.70 5.93 3.89
C PRO A 124 -3.39 6.45 5.26
N ILE A 125 -4.05 5.85 6.25
CA ILE A 125 -3.71 6.10 7.64
C ILE A 125 -3.79 4.76 8.37
N LYS A 126 -3.14 4.69 9.52
CA LYS A 126 -3.35 3.61 10.47
C LYS A 126 -4.34 4.01 11.54
N VAL A 127 -5.24 3.10 11.90
CA VAL A 127 -6.22 3.43 12.92
C VAL A 127 -6.40 2.24 13.84
N ARG A 128 -6.62 2.53 15.10
CA ARG A 128 -7.14 1.60 16.05
C ARG A 128 -8.63 1.81 16.14
N ILE A 129 -9.38 0.73 16.13
CA ILE A 129 -10.80 0.74 16.42
C ILE A 129 -10.99 -0.30 17.50
N HIS A 130 -11.13 0.17 18.74
CA HIS A 130 -11.36 -0.73 19.88
C HIS A 130 -10.23 -1.72 19.90
N ASN A 131 -10.44 -3.01 19.74
CA ASN A 131 -9.39 -4.02 19.92
C ASN A 131 -8.66 -4.39 18.62
N CYS A 132 -8.95 -3.70 17.53
CA CYS A 132 -8.36 -3.99 16.24
C CYS A 132 -7.50 -2.82 15.78
N ILE A 133 -6.46 -3.13 15.02
N ILE A 133 -6.53 -3.14 14.94
CA ILE A 133 -5.71 -2.12 14.29
CA ILE A 133 -5.68 -2.14 14.29
C ILE A 133 -5.78 -2.50 12.82
C ILE A 133 -5.66 -2.51 12.82
N MET A 134 -5.61 -1.49 11.96
CA MET A 134 -5.65 -1.72 10.54
C MET A 134 -5.09 -0.52 9.79
N ASN A 135 -4.51 -0.81 8.64
CA ASN A 135 -4.30 0.20 7.62
C ASN A 135 -5.63 0.44 6.94
N THR A 136 -5.97 1.72 6.77
CA THR A 136 -7.24 2.08 6.15
C THR A 136 -7.00 3.34 5.32
N SER A 137 -8.10 3.95 4.91
CA SER A 137 -8.08 5.07 4.01
C SER A 137 -9.00 6.13 4.58
N VAL A 138 -8.69 7.39 4.27
CA VAL A 138 -9.56 8.52 4.52
C VAL A 138 -9.88 9.10 3.16
N VAL A 139 -11.16 9.22 2.85
CA VAL A 139 -11.61 9.79 1.58
C VAL A 139 -11.98 11.23 1.85
N ASN A 140 -11.47 12.13 1.01
CA ASN A 140 -11.66 13.56 1.24
C ASN A 140 -11.56 14.29 -0.11
N PHE A 141 -11.97 15.55 -0.10
CA PHE A 141 -11.90 16.42 -1.27
C PHE A 141 -12.70 15.91 -2.46
N LEU A 142 -13.79 15.20 -2.20
CA LEU A 142 -14.75 14.89 -3.24
C LEU A 142 -15.34 16.20 -3.78
N CYS A 143 -15.20 16.41 -5.08
CA CYS A 143 -15.59 17.71 -5.63
C CYS A 143 -16.03 17.52 -7.07
N VAL A 144 -17.19 18.07 -7.40
CA VAL A 144 -17.69 18.04 -8.76
C VAL A 144 -18.02 19.48 -9.16
N HIS A 145 -17.56 19.85 -10.34
CA HIS A 145 -17.88 21.14 -10.90
C HIS A 145 -19.36 21.45 -10.77
N LYS A 146 -19.66 22.70 -10.35
CA LYS A 146 -21.04 23.13 -10.15
C LYS A 146 -21.92 22.87 -11.37
N LYS A 147 -21.38 23.06 -12.56
CA LYS A 147 -22.22 22.85 -13.73
C LYS A 147 -22.53 21.37 -13.97
N LEU A 148 -21.88 20.46 -13.26
CA LEU A 148 -22.11 19.03 -13.42
C LEU A 148 -22.87 18.41 -12.26
N ARG A 149 -23.38 19.21 -11.33
CA ARG A 149 -24.01 18.67 -10.13
C ARG A 149 -25.39 18.10 -10.44
N SER A 150 -25.83 17.20 -9.56
CA SER A 150 -27.13 16.55 -9.62
C SER A 150 -27.28 15.63 -10.83
N LYS A 151 -26.17 15.15 -11.37
CA LYS A 151 -26.17 14.20 -12.48
C LYS A 151 -25.60 12.86 -12.05
N ARG A 152 -25.53 12.61 -10.74
CA ARG A 152 -25.10 11.32 -10.21
C ARG A 152 -23.68 10.98 -10.61
N LEU A 153 -22.81 12.00 -10.72
CA LEU A 153 -21.39 11.71 -10.89
C LEU A 153 -20.73 11.33 -9.59
N ALA A 154 -21.21 11.84 -8.47
CA ALA A 154 -20.51 11.62 -7.22
C ALA A 154 -20.40 10.14 -6.91
N PRO A 155 -21.47 9.36 -7.04
CA PRO A 155 -21.33 7.94 -6.76
C PRO A 155 -20.34 7.29 -7.68
N VAL A 156 -20.17 7.84 -8.90
CA VAL A 156 -19.21 7.27 -9.83
C VAL A 156 -17.81 7.51 -9.30
N LEU A 157 -17.53 8.75 -8.85
CA LEU A 157 -16.28 9.05 -8.18
C LEU A 157 -16.08 8.20 -6.92
N ILE A 158 -17.14 8.02 -6.13
CA ILE A 158 -17.00 7.24 -4.91
C ILE A 158 -16.72 5.77 -5.23
N LYS A 159 -17.43 5.23 -6.20
CA LYS A 159 -17.20 3.85 -6.60
C LYS A 159 -15.79 3.66 -7.16
N GLU A 160 -15.28 4.66 -7.89
CA GLU A 160 -13.95 4.51 -8.47
C GLU A 160 -12.87 4.61 -7.40
N ILE A 161 -13.02 5.50 -6.42
CA ILE A 161 -12.00 5.56 -5.39
C ILE A 161 -12.07 4.30 -4.54
N THR A 162 -13.28 3.79 -4.33
CA THR A 162 -13.43 2.54 -3.58
C THR A 162 -12.73 1.38 -4.28
N ARG A 163 -12.95 1.26 -5.60
CA ARG A 163 -12.18 0.29 -6.36
C ARG A 163 -10.69 0.46 -6.15
N ARG A 164 -10.19 1.69 -6.23
CA ARG A 164 -8.74 1.88 -6.21
C ARG A 164 -8.16 1.57 -4.82
N ILE A 165 -8.94 1.82 -3.77
CA ILE A 165 -8.53 1.46 -2.41
C ILE A 165 -8.52 -0.05 -2.23
N ARG A 166 -9.55 -0.72 -2.69
CA ARG A 166 -9.63 -2.16 -2.59
C ARG A 166 -8.52 -2.83 -3.39
N CYS A 167 -8.07 -2.21 -4.49
CA CYS A 167 -6.93 -2.78 -5.20
C CYS A 167 -5.67 -2.77 -4.35
N GLU A 168 -5.64 -1.99 -3.29
CA GLU A 168 -4.54 -1.97 -2.35
C GLU A 168 -4.78 -2.88 -1.16
N LYS A 169 -5.76 -3.78 -1.26
CA LYS A 169 -6.10 -4.72 -0.18
C LYS A 169 -6.64 -4.00 1.05
N ILE A 170 -7.28 -2.86 0.87
CA ILE A 170 -7.85 -2.07 1.97
C ILE A 170 -9.35 -2.00 1.74
N PHE A 171 -10.14 -2.39 2.74
CA PHE A 171 -11.56 -2.58 2.52
C PHE A 171 -12.41 -1.75 3.45
N GLN A 172 -11.80 -0.85 4.20
CA GLN A 172 -12.50 0.09 5.03
C GLN A 172 -12.06 1.51 4.70
N SER A 173 -12.87 2.48 5.14
CA SER A 173 -12.53 3.87 4.93
C SER A 173 -13.24 4.71 5.98
N ILE A 174 -12.67 5.85 6.26
CA ILE A 174 -13.27 6.84 7.13
C ILE A 174 -13.54 8.09 6.33
N TYR A 175 -14.65 8.73 6.62
CA TYR A 175 -14.96 9.94 5.88
C TYR A 175 -15.96 10.70 6.70
N THR A 176 -15.98 12.01 6.49
CA THR A 176 -16.96 12.84 7.16
C THR A 176 -17.80 13.58 6.12
N CYS A 177 -18.94 14.08 6.58
CA CYS A 177 -19.86 14.83 5.75
C CYS A 177 -20.61 15.81 6.65
N GLY A 178 -20.89 17.00 6.13
CA GLY A 178 -21.62 17.96 6.88
C GLY A 178 -23.11 17.74 6.85
N LYS A 179 -23.55 16.59 6.35
CA LYS A 179 -24.96 16.24 6.34
C LYS A 179 -25.11 14.76 6.67
N ASN A 180 -26.32 14.39 7.06
CA ASN A 180 -26.58 12.98 7.29
C ASN A 180 -26.74 12.26 5.96
N ILE A 181 -25.99 11.17 5.80
CA ILE A 181 -26.09 10.27 4.66
C ILE A 181 -26.69 8.98 5.18
N THR A 182 -25.84 8.07 5.65
CA THR A 182 -26.26 6.88 6.39
C THR A 182 -26.14 7.16 7.90
N LYS A 183 -26.04 6.12 8.72
CA LYS A 183 -25.96 6.34 10.16
C LYS A 183 -24.52 6.67 10.54
N PRO A 184 -24.27 7.86 11.09
CA PRO A 184 -22.90 8.21 11.46
C PRO A 184 -22.57 7.55 12.79
N PHE A 185 -21.30 7.17 12.97
CA PHE A 185 -20.92 6.63 14.29
C PHE A 185 -20.64 7.70 15.34
N THR A 186 -20.31 8.93 14.93
CA THR A 186 -20.42 10.05 15.84
C THR A 186 -20.74 11.33 15.07
N ILE A 187 -21.13 12.34 15.82
CA ILE A 187 -21.41 13.66 15.27
C ILE A 187 -20.55 14.68 15.99
N GLY A 188 -19.81 15.47 15.23
CA GLY A 188 -18.99 16.53 15.79
C GLY A 188 -19.66 17.86 15.67
N THR A 189 -19.48 18.71 16.67
CA THR A 189 -20.00 20.07 16.65
C THR A 189 -18.85 21.06 16.38
N TYR A 190 -19.10 21.99 15.46
CA TYR A 190 -18.18 23.08 15.17
C TYR A 190 -18.26 24.16 16.25
N TRP A 191 -17.11 24.63 16.70
CA TRP A 191 -16.99 25.77 17.58
C TRP A 191 -15.96 26.75 17.02
N HIS A 192 -16.21 28.04 17.18
CA HIS A 192 -15.42 29.11 16.60
C HIS A 192 -14.94 30.05 17.70
N ARG A 193 -13.66 30.35 17.72
CA ARG A 193 -13.09 31.38 18.57
C ARG A 193 -12.71 32.56 17.68
N ILE A 194 -13.42 33.67 17.86
CA ILE A 194 -13.15 34.88 17.10
C ILE A 194 -11.83 35.47 17.56
N ILE A 195 -10.92 35.71 16.61
CA ILE A 195 -9.65 36.38 16.87
C ILE A 195 -9.62 37.80 16.30
N ASN A 196 -9.84 37.93 14.99
N ASN A 196 -9.83 37.93 14.99
CA ASN A 196 -9.80 39.24 14.33
CA ASN A 196 -9.79 39.25 14.34
C ASN A 196 -11.24 39.68 14.09
C ASN A 196 -11.23 39.69 14.09
N VAL A 197 -11.78 40.43 15.05
CA VAL A 197 -13.18 40.82 15.02
C VAL A 197 -13.50 41.66 13.77
N LYS A 198 -12.70 42.71 13.52
CA LYS A 198 -13.02 43.62 12.42
C LYS A 198 -13.02 42.89 11.07
N LYS A 199 -12.05 42.01 10.87
CA LYS A 199 -12.01 41.27 9.62
C LYS A 199 -13.24 40.38 9.47
N LEU A 200 -13.67 39.75 10.56
CA LEU A 200 -14.78 38.83 10.44
C LEU A 200 -16.11 39.55 10.35
N LEU A 201 -16.21 40.72 10.98
CA LEU A 201 -17.33 41.61 10.71
C LEU A 201 -17.35 42.03 9.23
N GLU A 202 -16.20 42.45 8.70
CA GLU A 202 -16.16 42.88 7.31
C GLU A 202 -16.56 41.75 6.38
N ALA A 203 -16.18 40.53 6.72
CA ALA A 203 -16.54 39.35 5.96
C ALA A 203 -17.98 38.88 6.14
N GLY A 204 -18.73 39.40 7.12
CA GLY A 204 -20.07 38.88 7.34
C GLY A 204 -20.16 37.63 8.18
N PHE A 205 -19.08 37.22 8.83
CA PHE A 205 -19.14 35.97 9.58
C PHE A 205 -19.92 36.17 10.87
N ILE A 206 -19.73 37.32 11.50
CA ILE A 206 -20.48 37.73 12.66
C ILE A 206 -21.03 39.12 12.35
N GLY A 207 -21.93 39.58 13.21
CA GLY A 207 -22.41 40.94 13.18
C GLY A 207 -22.12 41.61 14.52
N ILE A 208 -22.47 42.88 14.57
CA ILE A 208 -22.35 43.67 15.80
C ILE A 208 -23.70 43.61 16.51
N PRO A 209 -23.77 43.03 17.70
CA PRO A 209 -25.04 43.02 18.43
C PRO A 209 -25.53 44.40 18.76
N ARG A 210 -26.85 44.53 18.88
N ARG A 210 -26.85 44.53 18.89
CA ARG A 210 -27.45 45.82 19.18
CA ARG A 210 -27.43 45.84 19.17
C ARG A 210 -26.93 46.37 20.51
C ARG A 210 -26.98 46.38 20.52
N ASN A 211 -26.70 45.49 21.48
CA ASN A 211 -26.25 45.93 22.81
C ASN A 211 -24.73 46.08 22.88
N MET A 212 -24.05 46.28 21.75
CA MET A 212 -22.60 46.33 21.76
C MET A 212 -22.09 47.23 20.65
N THR A 213 -20.76 47.37 20.62
CA THR A 213 -20.06 48.20 19.68
C THR A 213 -18.91 47.41 19.10
N MET A 214 -18.38 47.93 18.00
CA MET A 214 -17.15 47.40 17.45
C MET A 214 -16.10 47.25 18.55
N SER A 215 -16.02 48.21 19.46
CA SER A 215 -14.94 48.16 20.45
C SER A 215 -15.26 47.22 21.59
N SER A 216 -16.50 47.21 22.07
CA SER A 216 -16.86 46.25 23.09
C SER A 216 -16.74 44.83 22.56
N LEU A 217 -17.08 44.63 21.29
CA LEU A 217 -16.94 43.31 20.70
C LEU A 217 -15.48 42.88 20.66
N ILE A 218 -14.60 43.84 20.35
CA ILE A 218 -13.18 43.54 20.32
C ILE A 218 -12.69 43.18 21.72
N LYS A 219 -13.15 43.92 22.72
CA LYS A 219 -12.72 43.62 24.09
C LYS A 219 -13.23 42.25 24.49
N TYR A 220 -14.48 41.95 24.17
CA TYR A 220 -15.04 40.69 24.64
C TYR A 220 -14.33 39.48 24.04
N HIS A 221 -14.01 39.52 22.74
CA HIS A 221 -13.40 38.37 22.06
C HIS A 221 -11.89 38.30 22.18
N ARG A 222 -11.29 39.26 22.88
CA ARG A 222 -9.85 39.28 23.06
C ARG A 222 -9.34 37.95 23.59
N ILE A 223 -8.23 37.49 23.00
N ILE A 223 -8.22 37.49 23.02
CA ILE A 223 -7.50 36.34 23.55
CA ILE A 223 -7.53 36.33 23.57
C ILE A 223 -6.82 36.83 24.84
C ILE A 223 -6.80 36.79 24.83
N PRO A 224 -7.09 36.22 25.99
CA PRO A 224 -6.44 36.71 27.21
C PRO A 224 -4.95 36.46 27.17
N ALA A 225 -4.20 37.42 27.67
CA ALA A 225 -2.77 37.21 27.83
C ALA A 225 -2.34 37.12 29.28
N ASP A 226 -3.26 37.38 30.23
CA ASP A 226 -2.87 37.58 31.63
C ASP A 226 -2.05 36.43 32.18
N LYS A 227 -2.19 35.22 31.64
CA LYS A 227 -1.53 34.05 32.18
C LYS A 227 -0.97 33.22 31.03
N ARG A 228 0.36 33.21 30.91
CA ARG A 228 1.07 32.46 29.88
C ARG A 228 1.81 31.28 30.51
N ILE A 229 2.11 30.26 29.72
N ILE A 229 2.15 30.31 29.67
CA ILE A 229 2.89 29.13 30.21
CA ILE A 229 2.85 29.08 30.07
C ILE A 229 4.15 29.01 29.38
C ILE A 229 4.18 29.03 29.32
N GLU A 230 5.29 28.98 30.07
CA GLU A 230 6.60 28.93 29.47
C GLU A 230 6.89 27.55 28.87
N GLY A 231 7.92 27.50 28.03
CA GLY A 231 8.48 26.25 27.59
C GLY A 231 8.02 25.77 26.24
N PHE A 232 7.14 26.52 25.56
CA PHE A 232 6.62 26.12 24.26
C PHE A 232 7.50 26.62 23.15
N ARG A 233 7.73 25.77 22.17
CA ARG A 233 8.52 26.09 20.99
C ARG A 233 7.98 25.28 19.82
N PRO A 234 8.19 25.75 18.59
CA PRO A 234 7.79 24.95 17.44
C PRO A 234 8.54 23.62 17.47
N SER A 235 7.85 22.56 17.09
CA SER A 235 8.55 21.30 16.89
C SER A 235 9.49 21.40 15.69
N VAL A 236 10.47 20.50 15.70
CA VAL A 236 11.45 20.35 14.63
C VAL A 236 11.51 18.85 14.31
N ASP A 237 12.23 18.51 13.25
CA ASP A 237 12.24 17.12 12.80
C ASP A 237 12.83 16.17 13.83
N SER A 238 13.83 16.61 14.62
CA SER A 238 14.47 15.73 15.59
C SER A 238 13.55 15.33 16.76
N ASP A 239 12.44 16.04 16.95
CA ASP A 239 11.47 15.72 17.99
C ASP A 239 10.61 14.52 17.64
N ALA A 240 10.70 13.99 16.42
CA ALA A 240 9.71 13.01 15.96
C ALA A 240 9.60 11.82 16.90
N GLU A 241 10.71 11.25 17.32
CA GLU A 241 10.64 10.07 18.18
C GLU A 241 9.97 10.41 19.49
N GLN A 242 10.32 11.57 20.06
CA GLN A 242 9.69 12.02 21.30
C GLN A 242 8.21 12.28 21.13
N ILE A 243 7.83 12.94 20.03
CA ILE A 243 6.44 13.18 19.77
C ILE A 243 5.70 11.87 19.60
N CYS A 244 6.29 10.95 18.84
CA CYS A 244 5.67 9.66 18.62
C CYS A 244 5.35 8.98 19.95
N LYS A 245 6.31 8.97 20.87
CA LYS A 245 6.07 8.37 22.16
C LYS A 245 5.02 9.17 22.94
N LEU A 246 5.04 10.49 22.76
CA LEU A 246 4.02 11.31 23.42
C LEU A 246 2.63 10.86 23.00
N PHE A 247 2.43 10.57 21.71
CA PHE A 247 1.13 10.09 21.25
C PHE A 247 0.82 8.71 21.79
N GLU A 248 1.79 7.80 21.75
CA GLU A 248 1.52 6.47 22.27
C GLU A 248 1.04 6.57 23.70
N ASN A 249 1.69 7.41 24.52
CA ASN A 249 1.31 7.58 25.91
C ASN A 249 -0.10 8.13 26.04
N TYR A 250 -0.41 9.16 25.23
CA TYR A 250 -1.75 9.73 25.25
C TYR A 250 -2.80 8.67 24.93
N PHE A 251 -2.58 7.89 23.87
CA PHE A 251 -3.58 6.90 23.49
C PHE A 251 -3.60 5.75 24.51
N MET A 252 -2.47 5.42 25.11
CA MET A 252 -2.49 4.43 26.18
C MET A 252 -3.32 4.95 27.34
N LYS A 253 -3.21 6.24 27.62
CA LYS A 253 -3.92 6.86 28.74
C LYS A 253 -5.43 6.75 28.55
N TYR A 254 -5.92 7.04 27.33
CA TYR A 254 -7.34 7.10 27.07
C TYR A 254 -7.88 5.82 26.41
N LYS A 255 -7.15 4.73 26.47
CA LYS A 255 -7.60 3.52 25.78
C LYS A 255 -8.93 3.06 26.35
N ASP A 256 -9.70 2.40 25.48
CA ASP A 256 -10.95 1.76 25.87
C ASP A 256 -10.85 0.24 25.89
N VAL A 257 -9.63 -0.30 25.84
CA VAL A 257 -9.39 -1.72 26.02
C VAL A 257 -8.30 -1.84 27.06
N SER A 258 -8.07 -3.07 27.52
CA SER A 258 -7.08 -3.29 28.54
C SER A 258 -5.67 -3.04 28.01
N ASN A 259 -4.73 -2.97 28.95
N ASN A 259 -4.72 -2.96 28.95
CA ASN A 259 -3.33 -2.78 28.58
CA ASN A 259 -3.34 -2.77 28.55
C ASN A 259 -2.82 -3.94 27.74
C ASN A 259 -2.85 -3.94 27.71
N GLU A 260 -3.16 -5.17 28.14
CA GLU A 260 -2.77 -6.34 27.36
C GLU A 260 -3.33 -6.26 25.95
N THR A 261 -4.55 -5.73 25.80
CA THR A 261 -5.16 -5.65 24.48
C THR A 261 -4.48 -4.58 23.62
N MET A 262 -4.22 -3.39 24.18
CA MET A 262 -3.54 -2.37 23.40
C MET A 262 -2.25 -2.91 22.82
N ASN A 263 -1.52 -3.72 23.62
CA ASN A 263 -0.25 -4.31 23.21
C ASN A 263 -0.42 -5.47 22.25
N ASN A 264 -1.64 -5.97 22.08
CA ASN A 264 -1.87 -7.15 21.27
C ASN A 264 -3.08 -6.96 20.38
N LEU A 265 -3.14 -5.84 19.69
CA LEU A 265 -4.32 -5.54 18.90
C LEU A 265 -4.45 -6.53 17.74
N ILE A 266 -5.69 -6.82 17.35
CA ILE A 266 -5.90 -7.69 16.21
C ILE A 266 -5.53 -6.92 14.95
N ASN A 267 -4.57 -7.44 14.18
CA ASN A 267 -4.11 -6.74 13.00
C ASN A 267 -5.02 -7.15 11.83
N TYR A 268 -6.04 -6.35 11.57
CA TYR A 268 -7.02 -6.75 10.56
C TYR A 268 -6.34 -6.95 9.21
N ASP A 269 -5.21 -6.27 8.96
CA ASP A 269 -4.53 -6.40 7.67
C ASP A 269 -4.10 -7.84 7.40
N GLU A 270 -3.78 -8.61 8.43
CA GLU A 270 -3.34 -9.97 8.19
C GLU A 270 -4.48 -10.97 8.15
N ILE A 271 -5.74 -10.56 8.34
CA ILE A 271 -6.82 -11.53 8.32
C ILE A 271 -7.95 -11.16 7.33
N ASN A 272 -7.87 -9.99 6.67
CA ASN A 272 -9.00 -9.54 5.85
C ASN A 272 -9.11 -10.27 4.51
N HIS A 273 -8.23 -11.22 4.23
CA HIS A 273 -8.25 -12.02 3.00
C HIS A 273 -9.10 -13.26 3.14
N SER A 274 -9.66 -13.50 4.31
CA SER A 274 -10.34 -14.75 4.60
C SER A 274 -11.59 -14.50 5.43
N LYS A 275 -12.73 -15.00 4.94
CA LYS A 275 -13.96 -14.92 5.72
C LYS A 275 -13.79 -15.59 7.09
N GLU A 276 -13.05 -16.68 7.17
CA GLU A 276 -12.96 -17.36 8.46
C GLU A 276 -12.09 -16.56 9.42
N LEU A 277 -10.88 -16.20 8.98
CA LEU A 277 -9.98 -15.51 9.89
C LEU A 277 -10.49 -14.13 10.26
N GLY A 278 -11.05 -13.40 9.28
CA GLY A 278 -11.54 -12.06 9.56
C GLY A 278 -12.61 -12.01 10.64
N LYS A 279 -13.36 -13.11 10.80
CA LYS A 279 -14.33 -13.17 11.88
C LYS A 279 -13.70 -12.79 13.22
N GLN A 280 -12.43 -13.14 13.43
CA GLN A 280 -11.75 -12.80 14.66
C GLN A 280 -11.94 -11.34 15.08
N ALA A 281 -12.16 -10.44 14.11
CA ALA A 281 -12.25 -9.01 14.41
C ALA A 281 -13.58 -8.62 15.05
N TYR A 282 -14.56 -9.49 15.08
N TYR A 282 -14.55 -9.52 15.09
CA TYR A 282 -15.83 -9.12 15.68
CA TYR A 282 -15.84 -9.22 15.71
C TYR A 282 -15.71 -9.11 17.20
C TYR A 282 -15.68 -9.11 17.22
N MET A 283 -16.38 -8.15 17.82
CA MET A 283 -16.30 -7.97 19.27
C MET A 283 -17.62 -7.37 19.70
N LYS A 284 -18.26 -8.03 20.65
CA LYS A 284 -19.43 -7.54 21.32
C LYS A 284 -18.98 -6.74 22.53
N LEU A 285 -19.74 -5.71 22.87
CA LEU A 285 -19.40 -4.85 23.98
C LEU A 285 -20.47 -4.99 25.02
N ASP A 286 -20.07 -5.37 26.24
CA ASP A 286 -21.02 -5.58 27.33
C ASP A 286 -21.94 -4.38 27.47
N LYS A 287 -21.36 -3.18 27.59
CA LYS A 287 -22.14 -1.98 27.82
C LYS A 287 -21.42 -0.80 27.20
N ILE A 288 -22.20 0.14 26.67
CA ILE A 288 -21.63 1.33 26.06
C ILE A 288 -20.91 2.20 27.09
N GLU A 289 -21.20 2.02 28.38
CA GLU A 289 -20.53 2.84 29.37
C GLU A 289 -19.10 2.40 29.62
N ASP A 290 -18.76 1.15 29.27
CA ASP A 290 -17.36 0.74 29.26
C ASP A 290 -16.50 1.65 28.38
N LEU A 291 -17.11 2.44 27.50
CA LEU A 291 -16.38 3.37 26.64
C LEU A 291 -16.38 4.80 27.17
N GLN A 292 -17.08 5.10 28.25
CA GLN A 292 -17.29 6.50 28.62
C GLN A 292 -15.97 7.14 28.99
N ASP A 293 -15.73 8.32 28.42
CA ASP A 293 -14.56 9.17 28.68
C ASP A 293 -13.26 8.64 28.09
N LYS A 294 -13.31 7.59 27.27
CA LYS A 294 -12.11 6.98 26.69
C LYS A 294 -12.17 7.12 25.18
N ILE A 295 -11.05 6.83 24.50
CA ILE A 295 -10.97 6.92 23.05
C ILE A 295 -11.10 5.51 22.49
N THR A 296 -11.98 5.39 21.51
CA THR A 296 -12.36 4.15 20.89
C THR A 296 -11.84 4.01 19.47
N ILE A 297 -11.68 5.11 18.75
CA ILE A 297 -11.12 5.06 17.43
C ILE A 297 -10.23 6.28 17.28
N HIS A 298 -9.02 6.05 16.80
CA HIS A 298 -8.07 7.13 16.61
C HIS A 298 -7.06 6.72 15.56
N GLN A 299 -6.43 7.71 14.96
CA GLN A 299 -5.29 7.48 14.11
C GLN A 299 -4.07 7.09 14.93
N CYS A 300 -3.25 6.23 14.36
CA CYS A 300 -1.96 5.86 14.92
C CYS A 300 -0.85 6.45 14.06
N PHE A 301 0.15 7.03 14.72
CA PHE A 301 1.29 7.63 14.03
C PHE A 301 2.57 6.87 14.39
N ASN A 302 3.30 6.44 13.38
CA ASN A 302 4.68 6.03 13.58
C ASN A 302 5.56 7.26 13.40
N VAL A 303 6.87 7.08 13.41
CA VAL A 303 7.78 8.23 13.45
C VAL A 303 7.75 8.98 12.11
N GLU A 304 7.65 8.25 10.99
CA GLU A 304 7.52 8.93 9.71
C GLU A 304 6.23 9.72 9.60
N ASP A 305 5.13 9.21 10.16
CA ASP A 305 3.90 9.98 10.16
C ASP A 305 4.06 11.26 10.97
N VAL A 306 4.63 11.13 12.16
CA VAL A 306 4.83 12.28 13.02
C VAL A 306 5.65 13.35 12.30
N LYS A 307 6.78 12.95 11.69
CA LYS A 307 7.61 13.88 10.94
C LYS A 307 6.80 14.68 9.93
N HIS A 308 5.81 14.03 9.31
CA HIS A 308 5.06 14.68 8.25
C HIS A 308 3.93 15.53 8.80
N TYR A 309 3.13 14.97 9.69
CA TYR A 309 1.92 15.63 10.18
C TYR A 309 2.23 16.71 11.22
N PHE A 310 3.11 16.47 12.17
CA PHE A 310 3.25 17.39 13.30
C PHE A 310 4.47 18.29 13.13
N THR A 311 4.46 18.94 12.00
CA THR A 311 5.54 19.80 11.59
C THR A 311 5.08 21.25 11.60
N ASN A 312 5.88 22.10 10.97
CA ASN A 312 5.56 23.51 10.88
C ASN A 312 5.81 23.93 9.43
N ILE A 313 4.74 24.29 8.74
CA ILE A 313 4.82 24.82 7.38
C ILE A 313 4.03 26.12 7.43
N ASP A 314 4.69 27.23 7.07
CA ASP A 314 4.03 28.51 7.06
C ASP A 314 2.69 28.46 6.35
N LYS A 315 1.65 28.93 7.06
N LYS A 315 1.64 28.93 7.05
CA LYS A 315 0.29 29.08 6.55
CA LYS A 315 0.31 29.08 6.48
C LYS A 315 -0.38 27.75 6.25
C LYS A 315 -0.40 27.75 6.26
N VAL A 316 0.09 26.66 6.86
CA VAL A 316 -0.48 25.36 6.61
C VAL A 316 -0.67 24.63 7.92
N ILE A 317 0.42 24.46 8.69
CA ILE A 317 0.40 23.60 9.87
C ILE A 317 1.38 24.17 10.91
N VAL A 318 0.92 24.22 12.14
CA VAL A 318 1.68 24.76 13.22
C VAL A 318 1.68 23.70 14.32
N THR A 319 2.88 23.28 14.75
CA THR A 319 3.03 22.29 15.82
C THR A 319 4.03 22.85 16.84
N TYR A 320 3.61 22.96 18.09
CA TYR A 320 4.46 23.40 19.19
C TYR A 320 4.52 22.30 20.23
N VAL A 321 5.67 22.17 20.87
CA VAL A 321 5.84 21.24 21.96
C VAL A 321 6.37 21.99 23.16
N ARG A 322 6.04 21.48 24.34
CA ARG A 322 6.55 22.03 25.59
C ARG A 322 7.58 21.07 26.15
N GLU A 323 8.73 21.61 26.54
CA GLU A 323 9.80 20.87 27.21
C GLU A 323 9.69 21.08 28.72
N ASN A 324 10.12 20.08 29.47
CA ASN A 324 10.23 20.25 30.92
C ASN A 324 11.66 20.64 31.23
N LYS A 325 12.00 20.71 32.53
CA LYS A 325 13.32 21.12 32.96
C LYS A 325 14.40 20.14 32.52
N ASN A 326 14.03 18.91 32.16
CA ASN A 326 14.93 17.92 31.59
C ASN A 326 15.01 18.02 30.07
N LYS A 327 14.34 18.99 29.46
CA LYS A 327 14.31 19.10 28.02
C LYS A 327 13.67 17.85 27.39
N GLU A 328 12.68 17.28 28.07
CA GLU A 328 11.86 16.19 27.55
C GLU A 328 10.51 16.75 27.10
N ILE A 329 10.01 16.32 25.95
CA ILE A 329 8.74 16.85 25.47
C ILE A 329 7.60 16.23 26.27
N THR A 330 6.76 17.09 26.82
CA THR A 330 5.67 16.70 27.70
C THR A 330 4.31 17.10 27.21
N ASP A 331 4.22 18.08 26.32
CA ASP A 331 2.96 18.59 25.85
C ASP A 331 3.13 18.96 24.38
N LEU A 332 2.01 18.99 23.68
CA LEU A 332 2.02 19.34 22.26
C LEU A 332 0.68 19.96 21.91
N PHE A 333 0.74 21.06 21.17
CA PHE A 333 -0.44 21.54 20.48
C PHE A 333 -0.14 21.67 18.97
N SER A 334 -1.22 21.60 18.18
CA SER A 334 -1.08 21.73 16.75
C SER A 334 -2.40 22.20 16.14
N PHE A 335 -2.27 22.94 15.04
CA PHE A 335 -3.42 23.37 14.30
C PHE A 335 -3.00 23.60 12.87
N PHE A 336 -3.91 23.34 11.93
CA PHE A 336 -3.65 23.63 10.54
C PHE A 336 -4.47 24.86 10.13
N ILE A 337 -4.11 25.41 8.99
CA ILE A 337 -4.60 26.73 8.55
C ILE A 337 -5.20 26.55 7.17
N ILE A 338 -6.44 26.97 7.01
CA ILE A 338 -7.10 26.97 5.72
C ILE A 338 -7.72 28.36 5.48
N GLU A 339 -7.42 28.92 4.32
CA GLU A 339 -8.08 30.14 3.88
C GLU A 339 -9.46 29.81 3.36
N SER A 340 -10.38 30.78 3.50
CA SER A 340 -11.71 30.68 2.94
C SER A 340 -11.98 31.94 2.15
N THR A 341 -12.62 31.78 1.00
CA THR A 341 -13.04 32.87 0.16
C THR A 341 -14.33 33.46 0.73
N VAL A 342 -14.40 34.77 0.76
CA VAL A 342 -15.65 35.45 1.07
C VAL A 342 -16.36 35.63 -0.27
N ILE A 343 -17.36 34.78 -0.53
CA ILE A 343 -17.88 34.62 -1.88
C ILE A 343 -18.40 35.93 -2.44
N ASN A 344 -19.02 36.74 -1.60
CA ASN A 344 -19.67 37.94 -2.12
C ASN A 344 -18.89 39.23 -1.86
N ASN A 345 -17.57 39.14 -1.67
CA ASN A 345 -16.77 40.29 -1.28
C ASN A 345 -15.58 40.40 -2.23
N GLU A 346 -15.74 41.20 -3.28
N GLU A 346 -15.74 41.22 -3.26
CA GLU A 346 -14.69 41.35 -4.27
CA GLU A 346 -14.70 41.36 -4.27
C GLU A 346 -13.45 42.04 -3.71
C GLU A 346 -13.46 42.06 -3.73
N ARG A 347 -13.57 42.81 -2.63
CA ARG A 347 -12.45 43.60 -2.12
C ARG A 347 -11.64 42.91 -1.04
N PHE A 348 -12.25 42.56 0.11
CA PHE A 348 -11.61 41.74 1.12
C PHE A 348 -11.96 40.27 0.82
N PRO A 349 -11.21 39.58 -0.01
CA PRO A 349 -11.77 38.34 -0.55
C PRO A 349 -11.50 37.10 0.27
N THR A 350 -10.55 37.06 1.23
CA THR A 350 -10.31 35.82 1.97
C THR A 350 -10.05 36.02 3.47
N ILE A 351 -10.30 34.96 4.23
CA ILE A 351 -10.03 34.96 5.66
C ILE A 351 -9.22 33.71 5.96
N ASN A 352 -8.31 33.85 6.92
N ASN A 352 -8.39 33.80 6.99
CA ASN A 352 -7.42 32.78 7.34
CA ASN A 352 -7.43 32.77 7.33
C ASN A 352 -7.99 32.15 8.60
C ASN A 352 -7.87 32.12 8.62
N ILE A 353 -8.28 30.85 8.57
CA ILE A 353 -8.88 30.17 9.70
C ILE A 353 -7.98 29.05 10.21
N ALA A 354 -7.76 29.03 11.53
CA ALA A 354 -7.05 27.93 12.18
C ALA A 354 -8.03 26.82 12.60
N TYR A 355 -7.59 25.56 12.51
CA TYR A 355 -8.39 24.40 12.91
C TYR A 355 -7.57 23.52 13.88
N SER A 356 -8.10 23.33 15.09
N SER A 356 -8.10 23.33 15.09
CA SER A 356 -7.45 22.46 16.06
CA SER A 356 -7.44 22.46 16.07
C SER A 356 -7.18 21.10 15.43
C SER A 356 -7.18 21.11 15.44
N TYR A 357 -6.00 20.58 15.68
CA TYR A 357 -5.60 19.27 15.14
C TYR A 357 -5.47 18.28 16.32
N PHE A 358 -4.27 17.93 16.70
CA PHE A 358 -4.08 17.02 17.84
C PHE A 358 -3.43 17.78 18.98
N ASN A 359 -3.95 17.61 20.16
CA ASN A 359 -3.42 18.34 21.28
C ASN A 359 -3.24 17.43 22.49
N ILE A 360 -2.09 17.56 23.14
CA ILE A 360 -1.75 16.71 24.29
C ILE A 360 -1.27 17.58 25.42
N ALA A 361 -1.99 17.55 26.54
CA ALA A 361 -1.62 18.28 27.75
C ALA A 361 -1.34 17.30 28.86
N ASN A 362 -0.10 17.27 29.31
CA ASN A 362 0.30 16.50 30.45
C ASN A 362 0.78 17.33 31.62
N THR A 363 1.41 18.48 31.36
CA THR A 363 1.98 19.27 32.46
C THR A 363 1.17 20.54 32.71
N CYS A 364 0.22 20.85 31.84
CA CYS A 364 -0.70 21.97 32.02
C CYS A 364 -2.11 21.46 31.75
N SER A 365 -3.11 22.29 32.05
CA SER A 365 -4.47 21.92 31.67
C SER A 365 -4.64 22.07 30.16
N LEU A 366 -5.63 21.38 29.62
CA LEU A 366 -5.96 21.57 28.22
C LEU A 366 -6.42 22.99 27.95
N LYS A 367 -7.06 23.64 28.93
CA LYS A 367 -7.46 25.03 28.75
C LYS A 367 -6.24 25.94 28.62
N GLU A 368 -5.25 25.73 29.47
CA GLU A 368 -3.99 26.46 29.36
C GLU A 368 -3.31 26.18 28.05
N LEU A 369 -3.33 24.93 27.62
CA LEU A 369 -2.70 24.62 26.35
C LEU A 369 -3.42 25.35 25.21
N PHE A 370 -4.74 25.25 25.17
CA PHE A 370 -5.48 25.91 24.10
C PHE A 370 -5.26 27.42 24.15
N ASN A 371 -5.04 27.97 25.33
CA ASN A 371 -4.81 29.41 25.38
C ASN A 371 -3.48 29.78 24.74
N GLU A 372 -2.43 28.97 24.97
N GLU A 372 -2.44 28.98 24.96
CA GLU A 372 -1.17 29.20 24.28
CA GLU A 372 -1.17 29.21 24.28
C GLU A 372 -1.35 29.04 22.77
C GLU A 372 -1.32 29.02 22.78
N MET A 373 -2.09 28.02 22.36
CA MET A 373 -2.32 27.78 20.94
C MET A 373 -3.11 28.92 20.31
N LEU A 374 -4.09 29.48 21.05
CA LEU A 374 -4.87 30.57 20.50
C LEU A 374 -4.00 31.79 20.24
N ILE A 375 -3.05 32.07 21.14
N ILE A 375 -3.05 32.07 21.14
CA ILE A 375 -2.13 33.19 20.96
CA ILE A 375 -2.14 33.19 20.95
C ILE A 375 -1.25 32.94 19.75
C ILE A 375 -1.25 32.94 19.74
N THR A 376 -0.75 31.71 19.61
CA THR A 376 0.08 31.38 18.46
C THR A 376 -0.71 31.51 17.15
N ALA A 377 -1.98 31.09 17.15
CA ALA A 377 -2.80 31.21 15.94
C ALA A 377 -3.02 32.67 15.58
N LYS A 378 -3.31 33.50 16.58
CA LYS A 378 -3.36 34.94 16.36
C LYS A 378 -2.07 35.47 15.75
N ASN A 379 -0.92 35.07 16.32
CA ASN A 379 0.35 35.53 15.78
C ASN A 379 0.67 34.92 14.43
N ASN A 380 -0.08 33.92 14.00
CA ASN A 380 0.00 33.38 12.65
C ASN A 380 -1.04 33.98 11.73
N ASN A 381 -1.57 35.16 12.07
CA ASN A 381 -2.54 35.88 11.24
C ASN A 381 -3.80 35.06 10.96
N CYS A 382 -4.24 34.26 11.91
CA CYS A 382 -5.52 33.58 11.79
C CYS A 382 -6.62 34.51 12.30
N ASP A 383 -7.72 34.55 11.54
CA ASP A 383 -8.83 35.42 11.88
C ASP A 383 -9.78 34.78 12.88
N ALA A 384 -9.79 33.46 12.97
CA ALA A 384 -10.64 32.73 13.87
C ALA A 384 -9.95 31.41 14.13
N PHE A 385 -10.30 30.78 15.24
CA PHE A 385 -9.80 29.45 15.59
C PHE A 385 -10.97 28.49 15.73
N ASN A 386 -10.97 27.42 14.97
CA ASN A 386 -12.08 26.49 14.93
C ASN A 386 -11.72 25.15 15.56
N THR A 387 -12.67 24.54 16.25
N THR A 387 -12.70 24.54 16.21
CA THR A 387 -12.45 23.23 16.80
CA THR A 387 -12.53 23.30 16.93
C THR A 387 -13.76 22.46 16.78
C THR A 387 -13.80 22.45 16.80
N LEU A 388 -13.61 21.14 16.89
CA LEU A 388 -14.68 20.16 17.09
C LEU A 388 -14.66 19.74 18.54
N ASP A 389 -15.77 19.17 19.01
CA ASP A 389 -15.81 18.60 20.36
C ASP A 389 -15.29 17.17 20.38
N LEU A 390 -14.20 16.92 19.66
CA LEU A 390 -13.49 15.64 19.67
C LEU A 390 -12.57 15.54 20.90
N MET A 391 -12.20 14.29 21.22
CA MET A 391 -11.27 13.95 22.31
C MET A 391 -11.69 14.72 23.56
N GLN A 392 -10.79 15.44 24.24
CA GLN A 392 -11.13 16.16 25.46
C GLN A 392 -11.43 17.66 25.23
N ASN A 393 -11.68 18.04 23.98
CA ASN A 393 -11.82 19.46 23.65
C ASN A 393 -13.02 20.11 24.33
N LEU A 394 -14.07 19.35 24.63
CA LEU A 394 -15.23 19.97 25.25
C LEU A 394 -14.82 20.63 26.56
N GLN A 395 -13.78 20.10 27.23
CA GLN A 395 -13.28 20.74 28.44
C GLN A 395 -12.88 22.19 28.19
N VAL A 396 -12.28 22.47 27.04
N VAL A 396 -12.28 22.48 27.04
CA VAL A 396 -11.89 23.84 26.73
CA VAL A 396 -11.89 23.84 26.75
C VAL A 396 -13.09 24.61 26.22
C VAL A 396 -13.05 24.63 26.16
N ILE A 397 -13.91 23.98 25.38
CA ILE A 397 -15.03 24.68 24.79
C ILE A 397 -16.03 25.12 25.86
N GLN A 398 -16.22 24.30 26.90
CA GLN A 398 -17.31 24.56 27.84
C GLN A 398 -17.20 25.93 28.47
N ASP A 399 -16.09 26.19 29.15
CA ASP A 399 -15.91 27.42 29.92
C ASP A 399 -14.96 28.32 29.13
N SER A 400 -15.48 28.88 28.04
CA SER A 400 -14.67 29.63 27.10
C SER A 400 -15.55 30.60 26.34
N LYS A 401 -14.93 31.30 25.41
CA LYS A 401 -15.62 32.26 24.55
C LYS A 401 -15.82 31.71 23.15
N PHE A 402 -15.78 30.39 22.99
CA PHE A 402 -16.11 29.78 21.71
C PHE A 402 -17.60 29.93 21.45
N ILE A 403 -17.95 30.13 20.19
N ILE A 403 -17.94 30.10 20.17
CA ILE A 403 -19.34 30.27 19.79
CA ILE A 403 -19.30 30.31 19.68
C ILE A 403 -19.68 29.12 18.84
C ILE A 403 -19.67 29.11 18.83
N ILE A 404 -20.88 28.56 19.03
CA ILE A 404 -21.24 27.37 18.27
C ILE A 404 -21.34 27.69 16.78
N GLY A 405 -20.96 26.71 15.97
CA GLY A 405 -21.11 26.82 14.53
C GLY A 405 -22.47 26.34 14.05
N THR A 406 -22.63 26.34 12.74
CA THR A 406 -23.86 25.96 12.08
C THR A 406 -23.70 24.56 11.51
N GLY A 407 -24.70 23.72 11.72
CA GLY A 407 -24.65 22.38 11.18
C GLY A 407 -23.79 21.48 12.08
N ARG A 408 -23.51 20.28 11.59
CA ARG A 408 -22.73 19.31 12.34
C ARG A 408 -21.89 18.49 11.37
N LEU A 409 -20.80 17.92 11.88
CA LEU A 409 -19.89 17.09 11.11
C LEU A 409 -20.13 15.62 11.44
N ARG A 410 -20.66 14.87 10.48
CA ARG A 410 -21.00 13.48 10.70
C ARG A 410 -19.80 12.60 10.34
N TYR A 411 -19.49 11.65 11.21
CA TYR A 411 -18.37 10.74 11.00
C TYR A 411 -18.91 9.39 10.54
N TYR A 412 -18.26 8.84 9.51
CA TYR A 412 -18.62 7.60 8.89
C TYR A 412 -17.41 6.67 8.80
N VAL A 413 -17.69 5.38 8.91
CA VAL A 413 -16.71 4.37 8.56
C VAL A 413 -17.34 3.40 7.57
N PHE A 414 -16.63 3.13 6.49
CA PHE A 414 -17.10 2.23 5.45
C PHE A 414 -16.69 0.82 5.82
N ASN A 415 -17.67 -0.09 5.86
CA ASN A 415 -17.47 -1.52 5.98
C ASN A 415 -16.90 -1.88 7.35
N TRP A 416 -17.33 -1.16 8.36
CA TRP A 416 -17.04 -1.48 9.74
C TRP A 416 -18.22 -1.03 10.58
N LYS A 417 -18.45 -1.80 11.63
CA LYS A 417 -19.43 -1.50 12.67
C LYS A 417 -18.73 -0.81 13.83
N ILE A 418 -19.25 0.35 14.19
CA ILE A 418 -18.82 1.09 15.38
C ILE A 418 -20.13 1.55 16.00
N PRO A 419 -20.39 1.25 17.26
CA PRO A 419 -21.58 1.80 17.92
C PRO A 419 -21.58 3.32 17.89
N GLN A 420 -22.76 3.90 17.94
CA GLN A 420 -22.79 5.36 18.03
C GLN A 420 -22.12 5.79 19.33
N ILE A 421 -21.12 6.65 19.23
CA ILE A 421 -20.35 7.09 20.37
C ILE A 421 -20.27 8.60 20.40
N SER A 422 -19.90 9.10 21.55
CA SER A 422 -19.67 10.52 21.69
C SER A 422 -18.43 10.91 20.90
N PRO A 423 -18.38 12.14 20.39
CA PRO A 423 -17.15 12.60 19.73
C PRO A 423 -15.98 12.67 20.68
N SER A 424 -16.17 12.72 21.98
CA SER A 424 -15.00 12.63 22.86
C SER A 424 -14.26 11.31 22.69
N ASN A 425 -14.94 10.27 22.21
N ASN A 425 -14.94 10.26 22.23
CA ASN A 425 -14.34 8.96 21.99
CA ASN A 425 -14.34 8.95 22.03
C ASN A 425 -13.60 8.83 20.68
C ASN A 425 -13.63 8.83 20.68
N VAL A 426 -13.49 9.91 19.91
CA VAL A 426 -12.97 9.84 18.55
C VAL A 426 -11.73 10.73 18.43
N GLY A 427 -10.66 10.14 17.92
CA GLY A 427 -9.39 10.81 17.71
C GLY A 427 -8.93 10.70 16.27
N ILE A 428 -9.82 11.17 15.40
CA ILE A 428 -9.65 11.19 13.96
C ILE A 428 -10.00 12.62 13.54
N ILE A 429 -9.04 13.28 12.89
CA ILE A 429 -9.20 14.64 12.39
C ILE A 429 -8.94 14.58 10.89
N LEU A 430 -9.92 14.99 10.09
CA LEU A 430 -9.80 15.03 8.65
C LEU A 430 -9.62 16.46 8.19
N PHE A 431 -8.97 16.64 7.05
CA PHE A 431 -8.54 17.96 6.59
C PHE A 431 -9.59 18.70 5.77
N PRO B 6 2.99 -17.51 16.58
CA PRO B 6 4.43 -17.37 16.81
C PRO B 6 5.22 -18.47 16.11
N HIS B 7 6.39 -18.11 15.63
CA HIS B 7 7.22 -19.05 14.89
C HIS B 7 7.90 -20.02 15.84
N LYS B 8 8.01 -21.28 15.39
CA LYS B 8 8.86 -22.27 16.04
C LYS B 8 10.13 -22.51 15.25
N PHE B 9 10.11 -22.27 13.93
CA PHE B 9 11.29 -22.42 13.11
C PHE B 9 11.90 -21.06 12.71
N TRP B 10 11.12 -20.18 12.11
CA TRP B 10 11.70 -18.96 11.53
C TRP B 10 12.28 -18.02 12.57
N ASN B 11 11.82 -18.11 13.82
CA ASN B 11 12.47 -17.39 14.88
C ASN B 11 13.92 -17.80 15.10
N THR B 12 14.34 -18.95 14.56
CA THR B 12 15.71 -19.40 14.81
C THR B 12 16.65 -19.12 13.65
N GLN B 13 16.15 -18.51 12.55
CA GLN B 13 16.86 -18.40 11.30
C GLN B 13 17.39 -16.98 11.10
N PRO B 14 18.45 -16.85 10.30
CA PRO B 14 19.01 -15.50 9.98
C PRO B 14 18.20 -14.76 8.92
N VAL B 15 17.06 -14.22 9.38
CA VAL B 15 16.15 -13.45 8.54
C VAL B 15 15.64 -12.30 9.38
N VAL B 16 15.17 -11.25 8.72
CA VAL B 16 14.58 -10.14 9.44
C VAL B 16 13.24 -10.57 9.98
N GLN B 17 13.05 -10.41 11.29
CA GLN B 17 11.85 -10.83 11.99
C GLN B 17 10.78 -9.75 11.93
N ASN B 18 9.51 -10.16 12.01
CA ASN B 18 8.39 -9.23 11.86
C ASN B 18 8.41 -8.14 12.92
N ASP B 19 8.92 -8.41 14.12
CA ASP B 19 8.87 -7.44 15.20
C ASP B 19 10.26 -6.98 15.64
N ASP B 20 11.23 -7.01 14.73
CA ASP B 20 12.61 -6.78 15.11
C ASP B 20 13.02 -5.31 14.98
N SER B 21 14.05 -4.94 15.75
CA SER B 21 14.38 -3.55 16.01
C SER B 21 15.13 -2.90 14.84
N SER B 22 16.45 -2.77 14.92
CA SER B 22 17.17 -1.96 13.94
C SER B 22 18.64 -2.34 13.87
N SER B 23 19.30 -1.82 12.84
CA SER B 23 20.76 -1.78 12.69
C SER B 23 21.11 -0.46 12.02
N GLU B 24 22.30 0.05 12.32
CA GLU B 24 22.74 1.22 11.57
C GLU B 24 23.06 0.90 10.12
N TYR B 25 22.89 -0.35 9.69
CA TYR B 25 23.16 -0.74 8.31
C TYR B 25 21.86 -1.22 7.68
N SER B 26 21.49 -0.61 6.57
CA SER B 26 20.31 -1.03 5.84
C SER B 26 20.57 -2.27 4.98
N PHE B 27 21.78 -2.48 4.52
CA PHE B 27 22.07 -3.65 3.70
C PHE B 27 23.24 -4.43 4.27
N GLY B 28 23.33 -5.70 3.91
CA GLY B 28 24.45 -6.52 4.28
C GLY B 28 24.02 -7.85 4.83
N PRO B 29 24.97 -8.74 5.05
CA PRO B 29 24.61 -10.06 5.58
C PRO B 29 24.12 -9.95 7.02
N ILE B 30 23.14 -10.79 7.36
CA ILE B 30 22.67 -10.83 8.73
C ILE B 30 23.70 -11.50 9.61
N GLU B 31 24.27 -12.59 9.13
CA GLU B 31 25.35 -13.28 9.83
C GLU B 31 26.40 -13.73 8.83
N ILE B 32 27.63 -13.84 9.29
CA ILE B 32 28.75 -14.30 8.46
C ILE B 32 29.31 -15.52 9.20
N GLU B 33 28.81 -16.69 8.82
CA GLU B 33 29.06 -17.92 9.57
C GLU B 33 29.54 -18.95 8.54
N PRO B 34 30.73 -18.75 8.00
CA PRO B 34 31.20 -19.63 6.91
C PRO B 34 31.63 -21.01 7.36
N ASP B 35 31.93 -21.24 8.64
CA ASP B 35 32.45 -22.53 9.10
C ASP B 35 31.59 -23.26 10.11
N SER B 36 30.62 -22.59 10.72
CA SER B 36 29.95 -23.15 11.91
C SER B 36 28.68 -23.90 11.58
N PHE B 37 28.28 -24.00 10.32
CA PHE B 37 26.99 -24.56 10.01
C PHE B 37 27.01 -26.08 10.06
N ARG B 38 25.85 -26.65 10.31
CA ARG B 38 25.69 -28.10 10.29
C ARG B 38 25.91 -28.64 8.89
N LYS B 39 26.75 -29.67 8.79
CA LYS B 39 27.05 -30.32 7.53
C LYS B 39 26.46 -31.74 7.46
N GLU B 40 25.98 -32.26 8.59
CA GLU B 40 25.41 -33.59 8.61
C GLU B 40 23.94 -33.60 8.19
N ILE B 41 23.60 -34.59 7.36
CA ILE B 41 22.26 -34.65 6.75
C ILE B 41 21.21 -34.72 7.86
N TYR B 42 20.05 -34.06 7.64
CA TYR B 42 19.00 -34.09 8.66
C TYR B 42 18.20 -35.38 8.58
N LYS B 43 17.78 -35.83 9.75
CA LYS B 43 17.01 -37.05 9.89
C LYS B 43 15.54 -36.79 9.57
N LEU B 44 14.95 -37.72 8.90
CA LEU B 44 13.56 -37.71 8.60
C LEU B 44 12.86 -38.65 9.55
N PRO B 45 11.55 -38.56 9.67
CA PRO B 45 10.83 -39.59 10.44
C PRO B 45 11.15 -40.98 9.92
N ASP B 46 11.15 -41.96 10.81
CA ASP B 46 11.35 -43.34 10.36
C ASP B 46 10.31 -43.67 9.29
N GLY B 47 10.73 -44.43 8.30
CA GLY B 47 9.92 -44.73 7.15
C GLY B 47 10.17 -43.86 5.93
N PHE B 48 11.01 -42.82 6.03
CA PHE B 48 11.15 -41.87 4.95
C PHE B 48 12.60 -41.70 4.57
N SER B 49 12.84 -41.27 3.33
CA SER B 49 14.19 -41.17 2.80
C SER B 49 14.31 -39.97 1.87
N TRP B 50 15.50 -39.42 1.88
CA TRP B 50 15.92 -38.39 0.95
C TRP B 50 16.35 -39.00 -0.37
N PHE B 51 16.13 -38.28 -1.46
CA PHE B 51 16.72 -38.69 -2.73
C PHE B 51 16.98 -37.45 -3.57
N ASP B 52 18.03 -37.52 -4.38
CA ASP B 52 18.26 -36.45 -5.36
C ASP B 52 17.35 -36.73 -6.53
N CYS B 53 16.52 -35.79 -6.89
N CYS B 53 16.47 -35.80 -6.87
CA CYS B 53 15.51 -36.03 -7.90
CA CYS B 53 15.47 -36.04 -7.90
C CYS B 53 16.12 -35.97 -9.28
C CYS B 53 16.10 -35.98 -9.28
N ASN B 54 15.94 -37.04 -10.07
CA ASN B 54 16.53 -37.09 -11.40
C ASN B 54 15.56 -36.41 -12.37
N LEU B 55 15.68 -35.10 -12.44
CA LEU B 55 14.98 -34.33 -13.45
C LEU B 55 15.82 -34.15 -14.70
N TRP B 56 16.96 -34.84 -14.77
CA TRP B 56 17.87 -34.76 -15.90
C TRP B 56 17.44 -35.64 -17.03
N ASP B 57 16.46 -36.50 -16.79
CA ASP B 57 15.88 -37.38 -17.80
C ASP B 57 14.38 -37.19 -17.69
N ILE B 58 13.80 -36.52 -18.69
CA ILE B 58 12.39 -36.18 -18.63
C ILE B 58 11.51 -37.42 -18.61
N GLU B 59 12.03 -38.56 -19.08
CA GLU B 59 11.34 -39.84 -19.02
C GLU B 59 11.50 -40.57 -17.69
N SER B 60 12.24 -40.03 -16.73
CA SER B 60 12.57 -40.80 -15.53
C SER B 60 11.37 -40.90 -14.59
N GLN B 61 11.41 -41.94 -13.75
CA GLN B 61 10.36 -42.14 -12.77
C GLN B 61 10.34 -41.03 -11.75
N ASP B 62 11.51 -40.50 -11.38
CA ASP B 62 11.56 -39.36 -10.45
C ASP B 62 10.80 -38.17 -10.99
N PHE B 63 10.89 -37.96 -12.30
CA PHE B 63 10.24 -36.80 -12.90
C PHE B 63 8.72 -36.98 -12.93
N GLU B 64 8.26 -38.19 -13.26
CA GLU B 64 6.85 -38.55 -13.12
C GLU B 64 6.36 -38.33 -11.69
N ASP B 65 7.06 -38.89 -10.69
CA ASP B 65 6.65 -38.67 -9.31
C ASP B 65 6.60 -37.20 -8.93
N THR B 66 7.62 -36.45 -9.32
CA THR B 66 7.64 -35.02 -9.00
C THR B 66 6.50 -34.30 -9.68
N TYR B 67 6.26 -34.61 -10.95
CA TYR B 67 5.17 -33.98 -11.70
C TYR B 67 3.84 -34.25 -11.02
N GLN B 68 3.62 -35.51 -10.59
CA GLN B 68 2.38 -35.87 -9.93
C GLN B 68 2.26 -35.18 -8.57
N LEU B 69 3.33 -35.23 -7.76
CA LEU B 69 3.30 -34.55 -6.48
C LEU B 69 2.84 -33.10 -6.65
N LEU B 70 3.50 -32.36 -7.54
CA LEU B 70 3.19 -30.94 -7.64
C LEU B 70 1.81 -30.73 -8.23
N LYS B 71 1.44 -31.57 -9.20
CA LYS B 71 0.13 -31.46 -9.82
C LYS B 71 -0.98 -31.57 -8.79
N ASP B 72 -0.80 -32.41 -7.79
CA ASP B 72 -1.85 -32.67 -6.82
C ASP B 72 -1.66 -31.92 -5.51
N HIS B 73 -0.47 -31.37 -5.24
CA HIS B 73 -0.20 -30.81 -3.92
C HIS B 73 0.48 -29.45 -3.88
N TYR B 74 0.77 -28.85 -5.02
CA TYR B 74 1.56 -27.62 -4.97
C TYR B 74 0.57 -26.46 -4.82
N VAL B 75 0.96 -25.25 -5.20
CA VAL B 75 0.27 -24.05 -4.73
C VAL B 75 -1.14 -23.96 -5.29
N GLU B 76 -2.11 -23.68 -4.42
CA GLU B 76 -3.48 -23.37 -4.78
C GLU B 76 -3.73 -21.91 -4.43
N ASP B 77 -4.67 -21.28 -5.11
CA ASP B 77 -5.09 -19.93 -4.71
C ASP B 77 -5.82 -19.98 -3.37
N ASP B 78 -6.07 -18.81 -2.79
CA ASP B 78 -6.61 -18.76 -1.44
C ASP B 78 -7.96 -19.48 -1.33
N ASP B 79 -8.74 -19.50 -2.40
CA ASP B 79 -10.06 -20.11 -2.35
C ASP B 79 -10.06 -21.57 -2.77
N SER B 80 -8.88 -22.17 -2.99
CA SER B 80 -8.77 -23.54 -3.48
C SER B 80 -9.62 -23.79 -4.72
N GLN B 81 -9.61 -22.84 -5.66
N GLN B 81 -9.62 -22.82 -5.65
CA GLN B 81 -10.29 -23.04 -6.93
CA GLN B 81 -10.28 -22.99 -6.94
C GLN B 81 -9.34 -23.47 -8.05
C GLN B 81 -9.33 -23.49 -8.01
N PHE B 82 -8.06 -23.14 -7.91
CA PHE B 82 -7.03 -23.35 -8.92
C PHE B 82 -5.75 -23.86 -8.26
N ARG B 83 -5.05 -24.72 -8.97
CA ARG B 83 -3.78 -25.23 -8.52
C ARG B 83 -2.83 -25.27 -9.70
N PHE B 84 -1.60 -24.83 -9.49
CA PHE B 84 -0.62 -24.85 -10.56
C PHE B 84 -0.44 -26.26 -11.07
N ASN B 85 -0.24 -26.40 -12.38
CA ASN B 85 0.00 -27.69 -13.02
C ASN B 85 1.23 -27.54 -13.95
N TYR B 86 2.40 -27.39 -13.31
CA TYR B 86 3.65 -27.18 -14.02
C TYR B 86 3.92 -28.41 -14.87
N SER B 87 4.18 -28.19 -16.16
CA SER B 87 4.54 -29.32 -17.02
C SER B 87 5.96 -29.80 -16.73
N LYS B 88 6.26 -31.02 -17.19
CA LYS B 88 7.63 -31.52 -17.10
C LYS B 88 8.58 -30.63 -17.89
N GLU B 89 8.17 -30.18 -19.07
CA GLU B 89 9.07 -29.33 -19.85
C GLU B 89 9.32 -28.02 -19.13
N PHE B 90 8.32 -27.49 -18.45
CA PHE B 90 8.53 -26.30 -17.65
C PHE B 90 9.51 -26.57 -16.52
N LEU B 91 9.24 -27.60 -15.74
CA LEU B 91 10.12 -27.90 -14.61
C LEU B 91 11.54 -28.10 -15.06
N ARG B 92 11.73 -28.79 -16.17
N ARG B 92 11.74 -28.79 -16.17
CA ARG B 92 13.06 -28.99 -16.72
CA ARG B 92 13.08 -28.97 -16.69
C ARG B 92 13.73 -27.64 -17.01
C ARG B 92 13.74 -27.63 -16.98
N TRP B 93 12.99 -26.68 -17.56
CA TRP B 93 13.56 -25.37 -17.87
C TRP B 93 13.78 -24.56 -16.60
N ALA B 94 12.88 -24.68 -15.64
CA ALA B 94 13.01 -23.87 -14.44
C ALA B 94 14.05 -24.39 -13.48
N LEU B 95 14.45 -25.64 -13.61
CA LEU B 95 15.28 -26.25 -12.59
C LEU B 95 16.58 -26.80 -13.09
N CYS B 96 16.68 -27.16 -14.37
CA CYS B 96 17.93 -27.62 -14.95
C CYS B 96 18.63 -26.46 -15.63
N VAL B 97 18.99 -25.52 -14.78
CA VAL B 97 19.54 -24.24 -15.24
C VAL B 97 21.05 -24.36 -15.30
N PRO B 98 21.72 -23.45 -16.00
CA PRO B 98 23.18 -23.50 -16.04
C PRO B 98 23.76 -23.36 -14.64
N GLY B 99 24.71 -24.25 -14.32
CA GLY B 99 25.35 -24.24 -13.02
C GLY B 99 24.65 -25.02 -11.96
N GLN B 100 23.52 -25.66 -12.27
CA GLN B 100 22.73 -26.36 -11.27
C GLN B 100 23.51 -27.58 -10.75
N LYS B 101 23.29 -27.89 -9.48
CA LYS B 101 23.83 -29.06 -8.80
C LYS B 101 22.78 -30.15 -8.73
N LYS B 102 23.18 -31.38 -8.93
CA LYS B 102 22.23 -32.49 -8.89
C LYS B 102 21.55 -32.59 -7.53
N ASN B 103 22.27 -32.25 -6.47
CA ASN B 103 21.74 -32.46 -5.14
C ASN B 103 20.98 -31.25 -4.63
N TRP B 104 20.72 -30.24 -5.47
CA TRP B 104 19.77 -29.21 -5.10
C TRP B 104 18.33 -29.49 -5.54
N LEU B 105 18.10 -30.66 -6.09
CA LEU B 105 16.73 -31.07 -6.41
C LEU B 105 16.43 -32.19 -5.43
N VAL B 106 15.64 -31.91 -4.39
CA VAL B 106 15.61 -32.75 -3.19
C VAL B 106 14.22 -33.31 -2.98
N GLY B 107 14.12 -34.63 -2.97
CA GLY B 107 12.85 -35.29 -2.74
C GLY B 107 12.81 -36.07 -1.44
N VAL B 108 11.60 -36.35 -0.97
CA VAL B 108 11.38 -37.24 0.15
C VAL B 108 10.45 -38.34 -0.34
N ARG B 109 10.84 -39.57 -0.05
CA ARG B 109 10.16 -40.79 -0.47
C ARG B 109 9.75 -41.60 0.75
N VAL B 110 8.58 -42.22 0.66
CA VAL B 110 8.10 -43.20 1.65
C VAL B 110 8.73 -44.56 1.30
N ASN B 111 9.58 -45.06 2.19
CA ASN B 111 10.28 -46.31 1.93
C ASN B 111 9.31 -47.43 1.60
N GLU B 112 8.16 -47.46 2.29
CA GLU B 112 7.28 -48.63 2.21
C GLU B 112 6.56 -48.67 0.87
N THR B 113 6.12 -47.53 0.38
CA THR B 113 5.31 -47.45 -0.82
C THR B 113 6.09 -46.90 -2.01
N LYS B 114 7.28 -46.36 -1.76
CA LYS B 114 8.11 -45.70 -2.76
C LYS B 114 7.48 -44.41 -3.28
N LYS B 115 6.43 -43.90 -2.65
CA LYS B 115 5.79 -42.69 -3.14
C LYS B 115 6.57 -41.45 -2.75
N MET B 116 6.66 -40.50 -3.67
CA MET B 116 7.27 -39.22 -3.34
C MET B 116 6.25 -38.35 -2.63
N VAL B 117 6.64 -37.81 -1.49
CA VAL B 117 5.74 -37.05 -0.64
C VAL B 117 6.28 -35.68 -0.31
N GLY B 118 7.47 -35.34 -0.78
CA GLY B 118 8.07 -34.07 -0.45
C GLY B 118 9.03 -33.68 -1.54
N PHE B 119 9.16 -32.37 -1.72
CA PHE B 119 10.09 -31.85 -2.68
C PHE B 119 10.54 -30.49 -2.20
N ILE B 120 11.79 -30.18 -2.49
CA ILE B 120 12.24 -28.81 -2.38
C ILE B 120 13.40 -28.65 -3.34
N SER B 121 13.53 -27.46 -3.91
CA SER B 121 14.56 -27.26 -4.91
C SER B 121 15.21 -25.91 -4.70
N ALA B 122 16.45 -25.82 -5.15
CA ALA B 122 17.16 -24.56 -5.29
C ALA B 122 17.72 -24.46 -6.69
N ILE B 123 17.81 -23.24 -7.21
CA ILE B 123 18.61 -22.98 -8.39
C ILE B 123 19.68 -21.95 -8.07
N PRO B 124 20.88 -22.08 -8.62
CA PRO B 124 21.87 -21.00 -8.50
C PRO B 124 21.47 -19.84 -9.40
N ILE B 125 21.64 -18.61 -8.90
CA ILE B 125 21.57 -17.41 -9.74
C ILE B 125 22.64 -16.42 -9.29
N LYS B 126 22.86 -15.41 -10.11
CA LYS B 126 23.67 -14.26 -9.73
C LYS B 126 22.75 -13.06 -9.49
N VAL B 127 23.06 -12.25 -8.49
CA VAL B 127 22.22 -11.11 -8.19
C VAL B 127 23.12 -9.95 -7.83
N ARG B 128 22.61 -8.75 -8.05
CA ARG B 128 23.14 -7.55 -7.43
C ARG B 128 22.15 -7.19 -6.35
N ILE B 129 22.65 -6.92 -5.14
CA ILE B 129 21.87 -6.26 -4.11
C ILE B 129 22.61 -4.98 -3.75
N HIS B 130 22.00 -3.85 -4.09
CA HIS B 130 22.63 -2.54 -3.89
C HIS B 130 24.09 -2.52 -4.35
N ASN B 131 25.05 -2.30 -3.45
CA ASN B 131 26.45 -2.16 -3.83
C ASN B 131 27.20 -3.50 -3.85
N CYS B 132 26.48 -4.62 -3.72
N CYS B 132 26.49 -4.62 -3.75
CA CYS B 132 27.05 -5.96 -3.64
CA CYS B 132 27.11 -5.93 -3.67
C CYS B 132 26.57 -6.84 -4.79
C CYS B 132 26.58 -6.86 -4.76
N ILE B 133 27.43 -7.79 -5.19
CA ILE B 133 27.04 -8.81 -6.14
C ILE B 133 27.43 -10.15 -5.53
N MET B 134 26.67 -11.18 -5.86
CA MET B 134 27.01 -12.50 -5.34
C MET B 134 26.31 -13.58 -6.13
N ASN B 135 26.92 -14.76 -6.13
CA ASN B 135 26.19 -15.97 -6.46
C ASN B 135 25.28 -16.29 -5.30
N THR B 136 24.06 -16.68 -5.61
CA THR B 136 23.11 -17.03 -4.54
C THR B 136 22.20 -18.15 -5.06
N SER B 137 21.12 -18.35 -4.34
CA SER B 137 20.20 -19.43 -4.60
C SER B 137 18.80 -18.87 -4.56
N VAL B 138 17.91 -19.55 -5.28
CA VAL B 138 16.49 -19.32 -5.25
C VAL B 138 15.84 -20.64 -4.84
N VAL B 139 15.10 -20.62 -3.77
CA VAL B 139 14.41 -21.83 -3.33
C VAL B 139 12.98 -21.74 -3.82
N ASN B 140 12.53 -22.84 -4.42
CA ASN B 140 11.21 -22.87 -5.03
C ASN B 140 10.69 -24.30 -4.99
N PHE B 141 9.41 -24.43 -5.28
CA PHE B 141 8.77 -25.76 -5.43
C PHE B 141 8.82 -26.57 -4.14
N LEU B 142 8.89 -25.90 -2.99
CA LEU B 142 8.60 -26.55 -1.73
C LEU B 142 7.18 -27.08 -1.74
N CYS B 143 7.07 -28.40 -1.51
CA CYS B 143 5.79 -29.07 -1.56
C CYS B 143 5.81 -30.31 -0.68
N VAL B 144 4.83 -30.40 0.20
CA VAL B 144 4.60 -31.55 1.04
C VAL B 144 3.22 -32.08 0.74
N HIS B 145 3.13 -33.38 0.55
CA HIS B 145 1.88 -34.05 0.27
C HIS B 145 0.82 -33.70 1.29
N LYS B 146 -0.40 -33.45 0.82
CA LYS B 146 -1.46 -32.94 1.69
C LYS B 146 -1.60 -33.78 2.95
N LYS B 147 -1.55 -35.10 2.82
CA LYS B 147 -1.74 -35.95 3.99
C LYS B 147 -0.62 -35.83 5.01
N LEU B 148 0.50 -35.19 4.69
CA LEU B 148 1.58 -35.04 5.65
C LEU B 148 1.74 -33.62 6.18
N ARG B 149 0.74 -32.76 5.97
CA ARG B 149 0.88 -31.37 6.31
C ARG B 149 0.62 -31.13 7.77
N SER B 150 1.18 -30.05 8.29
CA SER B 150 1.05 -29.66 9.68
C SER B 150 1.70 -30.67 10.63
N LYS B 151 2.66 -31.45 10.14
CA LYS B 151 3.49 -32.31 10.97
C LYS B 151 4.93 -31.78 11.09
N ARG B 152 5.16 -30.52 10.70
CA ARG B 152 6.46 -29.87 10.85
C ARG B 152 7.52 -30.47 9.91
N LEU B 153 7.10 -31.06 8.78
N LEU B 153 7.09 -31.06 8.79
CA LEU B 153 8.04 -31.59 7.83
CA LEU B 153 8.05 -31.58 7.83
C LEU B 153 8.70 -30.49 7.02
C LEU B 153 8.72 -30.47 7.05
N ALA B 154 8.02 -29.37 6.79
CA ALA B 154 8.57 -28.34 5.94
C ALA B 154 9.87 -27.75 6.51
N PRO B 155 10.00 -27.49 7.81
CA PRO B 155 11.27 -26.97 8.31
C PRO B 155 12.43 -27.92 8.07
N VAL B 156 12.16 -29.23 8.08
CA VAL B 156 13.22 -30.21 7.82
C VAL B 156 13.72 -30.09 6.39
N LEU B 157 12.80 -29.97 5.44
CA LEU B 157 13.17 -29.74 4.05
C LEU B 157 13.94 -28.45 3.90
N ILE B 158 13.51 -27.40 4.59
CA ILE B 158 14.21 -26.12 4.51
C ILE B 158 15.62 -26.22 5.09
N LYS B 159 15.74 -26.82 6.26
CA LYS B 159 17.06 -27.01 6.84
C LYS B 159 17.94 -27.84 5.90
N GLU B 160 17.37 -28.85 5.28
CA GLU B 160 18.20 -29.71 4.44
C GLU B 160 18.66 -29.00 3.17
N ILE B 161 17.79 -28.23 2.52
CA ILE B 161 18.25 -27.53 1.34
C ILE B 161 19.25 -26.46 1.77
N THR B 162 19.02 -25.83 2.93
CA THR B 162 19.98 -24.85 3.43
C THR B 162 21.35 -25.48 3.56
N ARG B 163 21.41 -26.67 4.14
CA ARG B 163 22.67 -27.35 4.32
C ARG B 163 23.35 -27.60 2.98
N ARG B 164 22.58 -28.00 1.97
CA ARG B 164 23.18 -28.32 0.67
C ARG B 164 23.65 -27.07 -0.06
N ILE B 165 22.97 -25.95 0.14
CA ILE B 165 23.40 -24.69 -0.44
C ILE B 165 24.67 -24.19 0.23
N ARG B 166 24.69 -24.18 1.57
CA ARG B 166 25.88 -23.73 2.26
C ARG B 166 27.07 -24.59 1.93
N CYS B 167 26.84 -25.88 1.71
CA CYS B 167 27.94 -26.75 1.31
C CYS B 167 28.55 -26.35 -0.04
N GLU B 168 27.89 -25.51 -0.82
CA GLU B 168 28.47 -24.93 -2.03
C GLU B 168 29.01 -23.52 -1.77
N LYS B 169 29.18 -23.17 -0.50
CA LYS B 169 29.75 -21.89 -0.08
C LYS B 169 28.83 -20.73 -0.46
N ILE B 170 27.54 -21.00 -0.40
CA ILE B 170 26.51 -20.00 -0.59
C ILE B 170 25.69 -19.88 0.68
N PHE B 171 25.50 -18.66 1.14
CA PHE B 171 24.84 -18.49 2.44
C PHE B 171 23.65 -17.55 2.41
N GLN B 172 23.19 -17.17 1.24
CA GLN B 172 21.98 -16.39 1.09
C GLN B 172 21.06 -17.10 0.12
N SER B 173 19.77 -16.81 0.22
CA SER B 173 18.83 -17.35 -0.73
C SER B 173 17.73 -16.31 -0.89
N ILE B 174 17.04 -16.40 -2.01
CA ILE B 174 15.85 -15.60 -2.27
C ILE B 174 14.69 -16.56 -2.45
N TYR B 175 13.56 -16.25 -1.82
CA TYR B 175 12.36 -17.06 -1.97
C TYR B 175 11.16 -16.14 -1.88
N THR B 176 10.04 -16.59 -2.46
CA THR B 176 8.78 -15.85 -2.41
C THR B 176 7.71 -16.74 -1.83
N CYS B 177 6.74 -16.11 -1.18
N CYS B 177 6.72 -16.13 -1.19
CA CYS B 177 5.64 -16.82 -0.57
CA CYS B 177 5.62 -16.90 -0.62
C CYS B 177 4.36 -16.01 -0.78
C CYS B 177 4.37 -16.05 -0.64
N GLY B 178 3.23 -16.70 -0.82
CA GLY B 178 1.97 -16.00 -0.94
C GLY B 178 1.48 -15.46 0.37
N LYS B 179 2.21 -15.74 1.44
CA LYS B 179 1.82 -15.41 2.79
C LYS B 179 2.95 -14.66 3.48
N ASN B 180 2.59 -13.98 4.57
CA ASN B 180 3.60 -13.35 5.40
C ASN B 180 4.16 -14.39 6.34
N ILE B 181 5.49 -14.54 6.34
CA ILE B 181 6.17 -15.48 7.20
C ILE B 181 7.01 -14.69 8.20
N THR B 182 8.15 -14.18 7.74
CA THR B 182 8.92 -13.16 8.44
C THR B 182 8.65 -11.83 7.74
N LYS B 183 9.52 -10.87 7.94
CA LYS B 183 9.37 -9.57 7.30
C LYS B 183 9.83 -9.61 5.86
N PRO B 184 8.95 -9.44 4.87
CA PRO B 184 9.39 -9.47 3.49
C PRO B 184 10.06 -8.14 3.11
N PHE B 185 10.94 -8.18 2.12
CA PHE B 185 11.61 -6.94 1.74
C PHE B 185 10.81 -6.18 0.70
N THR B 186 9.88 -6.85 0.04
CA THR B 186 8.88 -6.17 -0.74
C THR B 186 7.69 -7.11 -0.91
N ILE B 187 6.61 -6.52 -1.40
CA ILE B 187 5.43 -7.28 -1.73
C ILE B 187 5.08 -6.92 -3.15
N GLY B 188 5.01 -7.94 -4.01
CA GLY B 188 4.60 -7.78 -5.39
C GLY B 188 3.13 -8.16 -5.51
N THR B 189 2.42 -7.37 -6.30
N THR B 189 2.39 -7.32 -6.19
CA THR B 189 0.99 -7.58 -6.49
CA THR B 189 0.98 -7.62 -6.44
C THR B 189 0.75 -8.08 -7.91
C THR B 189 0.84 -8.02 -7.89
N TYR B 190 -0.10 -9.11 -8.03
N TYR B 190 0.11 -9.09 -8.14
CA TYR B 190 -0.49 -9.64 -9.32
CA TYR B 190 -0.15 -9.45 -9.53
C TYR B 190 -1.56 -8.77 -9.98
C TYR B 190 -1.46 -8.88 -10.01
N TRP B 191 -1.45 -8.62 -11.30
CA TRP B 191 -2.45 -7.96 -12.11
C TRP B 191 -2.70 -8.85 -13.32
N HIS B 192 -3.96 -9.01 -13.72
CA HIS B 192 -4.32 -9.90 -14.81
C HIS B 192 -4.83 -9.09 -16.00
N ARG B 193 -4.38 -9.47 -17.17
CA ARG B 193 -4.97 -9.01 -18.43
C ARG B 193 -5.71 -10.20 -19.00
N ILE B 194 -7.01 -10.06 -19.09
CA ILE B 194 -7.89 -11.17 -19.36
C ILE B 194 -8.02 -11.30 -20.85
N ILE B 195 -7.76 -12.49 -21.37
CA ILE B 195 -7.80 -12.67 -22.83
C ILE B 195 -9.09 -13.40 -23.20
N ASN B 196 -9.33 -14.56 -22.62
CA ASN B 196 -10.51 -15.37 -22.95
C ASN B 196 -11.55 -15.18 -21.85
N VAL B 197 -12.43 -14.21 -22.04
CA VAL B 197 -13.28 -13.74 -20.96
C VAL B 197 -14.29 -14.82 -20.53
N LYS B 198 -14.98 -15.41 -21.49
CA LYS B 198 -16.06 -16.34 -21.17
C LYS B 198 -15.52 -17.59 -20.53
N LYS B 199 -14.40 -18.10 -21.04
CA LYS B 199 -13.78 -19.26 -20.44
C LYS B 199 -13.42 -18.97 -18.98
N LEU B 200 -12.77 -17.83 -18.73
CA LEU B 200 -12.33 -17.54 -17.38
C LEU B 200 -13.50 -17.25 -16.46
N LEU B 201 -14.60 -16.72 -17.00
CA LEU B 201 -15.81 -16.55 -16.21
C LEU B 201 -16.39 -17.90 -15.83
N GLU B 202 -16.39 -18.86 -16.77
CA GLU B 202 -16.97 -20.17 -16.50
C GLU B 202 -16.10 -20.94 -15.54
N ALA B 203 -14.82 -20.65 -15.55
CA ALA B 203 -13.87 -21.26 -14.62
C ALA B 203 -13.85 -20.57 -13.27
N GLY B 204 -14.54 -19.46 -13.12
CA GLY B 204 -14.48 -18.76 -11.87
C GLY B 204 -13.22 -17.97 -11.63
N PHE B 205 -12.36 -17.83 -12.65
CA PHE B 205 -11.17 -16.99 -12.49
C PHE B 205 -11.52 -15.50 -12.40
N ILE B 206 -12.56 -15.07 -13.10
CA ILE B 206 -13.00 -13.68 -13.01
C ILE B 206 -14.49 -13.70 -12.72
N GLY B 207 -14.98 -12.58 -12.25
CA GLY B 207 -16.37 -12.42 -12.01
C GLY B 207 -16.89 -11.33 -12.89
N ILE B 208 -18.19 -11.28 -13.07
CA ILE B 208 -18.81 -10.18 -13.78
C ILE B 208 -19.41 -9.23 -12.74
N PRO B 209 -19.15 -7.92 -12.83
CA PRO B 209 -19.80 -6.97 -11.93
C PRO B 209 -21.32 -6.90 -12.05
N ARG B 210 -21.94 -6.33 -11.01
CA ARG B 210 -23.40 -6.25 -10.92
C ARG B 210 -24.00 -5.41 -12.05
N ASN B 211 -23.39 -4.31 -12.37
CA ASN B 211 -24.05 -3.35 -13.25
C ASN B 211 -23.38 -3.39 -14.62
N MET B 212 -23.00 -4.59 -15.07
CA MET B 212 -22.30 -4.73 -16.34
C MET B 212 -22.89 -5.91 -17.09
N THR B 213 -23.22 -5.68 -18.36
CA THR B 213 -23.72 -6.72 -19.21
C THR B 213 -22.56 -7.59 -19.66
N MET B 214 -22.89 -8.80 -20.10
CA MET B 214 -21.84 -9.69 -20.54
C MET B 214 -21.08 -9.08 -21.70
N SER B 215 -21.79 -8.45 -22.65
N SER B 215 -21.79 -8.42 -22.62
CA SER B 215 -21.10 -7.89 -23.80
CA SER B 215 -21.10 -7.89 -23.79
C SER B 215 -20.13 -6.79 -23.36
C SER B 215 -20.16 -6.76 -23.39
N SER B 216 -20.50 -6.00 -22.35
CA SER B 216 -19.62 -4.95 -21.88
C SER B 216 -18.37 -5.52 -21.22
N LEU B 217 -18.51 -6.61 -20.52
CA LEU B 217 -17.35 -7.26 -19.91
C LEU B 217 -16.39 -7.74 -20.99
N ILE B 218 -16.93 -8.41 -22.02
CA ILE B 218 -16.09 -8.87 -23.13
C ILE B 218 -15.40 -7.70 -23.79
N LYS B 219 -16.14 -6.59 -23.99
CA LYS B 219 -15.55 -5.45 -24.67
C LYS B 219 -14.45 -4.80 -23.84
N TYR B 220 -14.71 -4.61 -22.55
CA TYR B 220 -13.71 -4.10 -21.61
C TYR B 220 -12.36 -4.77 -21.80
N HIS B 221 -12.35 -6.07 -21.80
CA HIS B 221 -11.12 -6.81 -21.79
C HIS B 221 -10.58 -7.08 -23.17
N ARG B 222 -11.28 -6.64 -24.20
CA ARG B 222 -10.87 -6.94 -25.56
C ARG B 222 -9.48 -6.40 -25.84
N ILE B 223 -8.72 -7.16 -26.64
CA ILE B 223 -7.41 -6.72 -27.11
C ILE B 223 -7.62 -5.94 -28.39
N PRO B 224 -7.15 -4.70 -28.48
CA PRO B 224 -7.01 -4.05 -29.79
C PRO B 224 -5.70 -4.49 -30.44
N ALA B 225 -5.81 -5.20 -31.55
CA ALA B 225 -4.69 -5.42 -32.44
C ALA B 225 -4.71 -4.43 -33.59
N ASP B 226 -5.45 -3.33 -33.42
CA ASP B 226 -5.42 -2.25 -34.41
C ASP B 226 -4.03 -1.62 -34.45
N LYS B 227 -3.57 -1.13 -33.30
CA LYS B 227 -2.23 -0.53 -33.20
C LYS B 227 -1.23 -1.64 -32.94
N ARG B 228 -0.44 -1.97 -33.97
CA ARG B 228 0.68 -2.89 -33.88
C ARG B 228 1.96 -2.09 -34.07
N ILE B 229 3.04 -2.56 -33.45
CA ILE B 229 4.38 -2.04 -33.74
C ILE B 229 5.18 -3.16 -34.39
N GLU B 230 6.07 -2.76 -35.29
CA GLU B 230 6.78 -3.67 -36.17
C GLU B 230 8.12 -4.06 -35.56
N GLY B 231 8.66 -5.14 -36.09
CA GLY B 231 10.04 -5.48 -35.85
C GLY B 231 10.30 -6.57 -34.82
N PHE B 232 9.29 -7.12 -34.16
CA PHE B 232 9.53 -8.16 -33.16
C PHE B 232 9.58 -9.54 -33.78
N ARG B 233 10.50 -10.36 -33.31
CA ARG B 233 10.67 -11.71 -33.81
C ARG B 233 11.07 -12.60 -32.65
N PRO B 234 10.78 -13.91 -32.71
CA PRO B 234 11.29 -14.80 -31.65
C PRO B 234 12.80 -14.73 -31.57
N SER B 235 13.30 -14.68 -30.34
CA SER B 235 14.72 -14.86 -30.11
C SER B 235 15.20 -16.21 -30.62
N VAL B 236 16.47 -16.24 -30.96
CA VAL B 236 17.15 -17.49 -31.30
C VAL B 236 18.45 -17.53 -30.51
N ASP B 237 18.99 -18.74 -30.36
CA ASP B 237 20.19 -18.89 -29.54
C ASP B 237 21.29 -17.89 -29.93
N SER B 238 21.42 -17.59 -31.22
CA SER B 238 22.50 -16.69 -31.62
C SER B 238 22.26 -15.23 -31.26
N ASP B 239 21.08 -14.89 -30.70
CA ASP B 239 20.85 -13.57 -30.13
C ASP B 239 21.47 -13.38 -28.75
N ALA B 240 22.11 -14.42 -28.22
CA ALA B 240 22.43 -14.43 -26.79
C ALA B 240 23.36 -13.28 -26.40
N GLU B 241 24.40 -13.01 -27.18
CA GLU B 241 25.33 -11.95 -26.77
C GLU B 241 24.62 -10.58 -26.76
N GLN B 242 23.77 -10.32 -27.75
N GLN B 242 23.77 -10.33 -27.76
CA GLN B 242 23.10 -9.03 -27.83
CA GLN B 242 23.09 -9.04 -27.84
C GLN B 242 22.02 -8.89 -26.76
C GLN B 242 22.05 -8.90 -26.74
N ILE B 243 21.33 -9.97 -26.42
CA ILE B 243 20.38 -9.91 -25.33
C ILE B 243 21.11 -9.65 -24.03
N CYS B 244 22.27 -10.29 -23.86
CA CYS B 244 23.07 -10.08 -22.66
C CYS B 244 23.44 -8.60 -22.49
N LYS B 245 23.89 -7.96 -23.59
CA LYS B 245 24.22 -6.55 -23.51
C LYS B 245 22.97 -5.69 -23.30
N LEU B 246 21.85 -6.08 -23.88
CA LEU B 246 20.59 -5.38 -23.63
C LEU B 246 20.27 -5.32 -22.14
N PHE B 247 20.40 -6.45 -21.46
CA PHE B 247 20.12 -6.47 -20.02
C PHE B 247 21.11 -5.65 -19.23
N GLU B 248 22.40 -5.73 -19.60
CA GLU B 248 23.41 -4.96 -18.88
C GLU B 248 23.13 -3.48 -19.01
N ASN B 249 22.78 -3.03 -20.21
N ASN B 249 22.79 -3.03 -20.22
CA ASN B 249 22.45 -1.62 -20.41
CA ASN B 249 22.44 -1.62 -20.41
C ASN B 249 21.21 -1.25 -19.60
C ASN B 249 21.22 -1.26 -19.58
N TYR B 250 20.23 -2.17 -19.53
CA TYR B 250 19.01 -1.90 -18.82
C TYR B 250 19.26 -1.71 -17.32
N PHE B 251 20.05 -2.61 -16.75
CA PHE B 251 20.37 -2.58 -15.32
C PHE B 251 21.29 -1.41 -14.99
N MET B 252 22.22 -1.11 -15.86
CA MET B 252 23.00 0.12 -15.71
C MET B 252 22.09 1.35 -15.71
N LYS B 253 21.10 1.38 -16.59
CA LYS B 253 20.21 2.54 -16.65
C LYS B 253 19.44 2.72 -15.34
N TYR B 254 18.95 1.64 -14.75
CA TYR B 254 18.08 1.76 -13.59
C TYR B 254 18.80 1.52 -12.27
N LYS B 255 20.12 1.51 -12.26
CA LYS B 255 20.84 1.18 -11.03
C LYS B 255 20.52 2.17 -9.92
N ASP B 256 20.57 1.68 -8.68
CA ASP B 256 20.32 2.48 -7.49
C ASP B 256 21.59 2.87 -6.79
N VAL B 257 22.73 2.71 -7.43
CA VAL B 257 24.00 3.13 -6.86
C VAL B 257 24.62 4.13 -7.83
N SER B 258 25.70 4.76 -7.40
CA SER B 258 26.39 5.71 -8.25
C SER B 258 27.10 4.96 -9.38
N ASN B 259 27.52 5.71 -10.41
CA ASN B 259 28.33 5.09 -11.45
C ASN B 259 29.60 4.50 -10.85
N GLU B 260 30.21 5.21 -9.90
CA GLU B 260 31.44 4.73 -9.30
C GLU B 260 31.24 3.42 -8.56
N THR B 261 30.21 3.35 -7.71
CA THR B 261 29.92 2.11 -7.00
C THR B 261 29.61 0.98 -7.96
N MET B 262 28.85 1.26 -9.03
CA MET B 262 28.50 0.19 -9.97
C MET B 262 29.73 -0.40 -10.64
N ASN B 263 30.79 0.40 -10.82
CA ASN B 263 32.04 -0.08 -11.40
C ASN B 263 33.00 -0.63 -10.34
N ASN B 264 32.56 -0.65 -9.08
CA ASN B 264 33.35 -1.20 -7.98
C ASN B 264 32.43 -1.96 -7.02
N LEU B 265 31.57 -2.81 -7.58
CA LEU B 265 30.63 -3.56 -6.75
C LEU B 265 31.41 -4.51 -5.84
N ILE B 266 30.89 -4.69 -4.63
N ILE B 266 30.89 -4.71 -4.63
CA ILE B 266 31.50 -5.60 -3.66
CA ILE B 266 31.53 -5.59 -3.67
C ILE B 266 31.10 -7.03 -4.03
C ILE B 266 31.11 -7.03 -3.97
N ASN B 267 32.09 -7.89 -4.25
CA ASN B 267 31.82 -9.28 -4.59
C ASN B 267 31.78 -10.10 -3.30
N TYR B 268 30.55 -10.42 -2.83
CA TYR B 268 30.43 -11.12 -1.56
C TYR B 268 31.09 -12.50 -1.61
N ASP B 269 31.12 -13.13 -2.79
CA ASP B 269 31.73 -14.46 -2.92
C ASP B 269 33.20 -14.47 -2.49
N GLU B 270 33.90 -13.33 -2.66
CA GLU B 270 35.33 -13.30 -2.36
C GLU B 270 35.59 -13.02 -0.88
N ILE B 271 34.60 -12.55 -0.13
CA ILE B 271 34.81 -12.14 1.25
C ILE B 271 33.96 -12.92 2.23
N ASN B 272 33.07 -13.82 1.76
CA ASN B 272 32.14 -14.45 2.69
C ASN B 272 32.79 -15.58 3.49
N HIS B 273 34.07 -15.84 3.26
CA HIS B 273 34.79 -16.86 4.00
C HIS B 273 35.34 -16.35 5.30
N SER B 274 35.09 -15.10 5.65
CA SER B 274 35.77 -14.47 6.78
C SER B 274 34.81 -13.52 7.47
N LYS B 275 34.63 -13.69 8.78
CA LYS B 275 33.85 -12.72 9.53
C LYS B 275 34.43 -11.32 9.38
N GLU B 276 35.76 -11.22 9.31
CA GLU B 276 36.39 -9.89 9.19
C GLU B 276 36.07 -9.25 7.84
N LEU B 277 36.39 -9.93 6.75
CA LEU B 277 36.23 -9.35 5.42
C LEU B 277 34.77 -9.19 5.02
N GLY B 278 33.92 -10.15 5.42
CA GLY B 278 32.51 -10.08 5.10
C GLY B 278 31.85 -8.79 5.53
N LYS B 279 32.40 -8.13 6.55
CA LYS B 279 31.79 -6.90 7.03
C LYS B 279 31.93 -5.77 6.02
N GLN B 280 32.74 -5.94 4.98
CA GLN B 280 32.81 -4.91 3.96
C GLN B 280 31.52 -4.81 3.19
N ALA B 281 30.60 -5.78 3.33
CA ALA B 281 29.33 -5.79 2.63
C ALA B 281 28.29 -4.92 3.30
N TYR B 282 28.54 -4.40 4.50
CA TYR B 282 27.57 -3.59 5.19
C TYR B 282 27.54 -2.21 4.57
N MET B 283 26.34 -1.69 4.39
CA MET B 283 26.16 -0.38 3.77
C MET B 283 24.97 0.30 4.41
N LYS B 284 25.17 1.52 4.89
CA LYS B 284 24.08 2.35 5.36
C LYS B 284 23.35 2.97 4.18
N LEU B 285 22.14 3.43 4.44
CA LEU B 285 21.34 4.14 3.46
C LEU B 285 20.94 5.46 4.10
N ASP B 286 21.35 6.57 3.48
CA ASP B 286 20.94 7.89 3.96
C ASP B 286 19.43 8.00 4.00
N LYS B 287 18.77 7.93 2.83
CA LYS B 287 17.33 8.10 2.73
C LYS B 287 16.76 7.05 1.78
N ILE B 288 15.63 6.47 2.18
CA ILE B 288 14.95 5.49 1.34
C ILE B 288 14.62 6.10 -0.02
N GLU B 289 14.25 7.39 -0.05
CA GLU B 289 13.92 8.06 -1.30
C GLU B 289 15.07 8.02 -2.30
N ASP B 290 16.30 7.80 -1.82
CA ASP B 290 17.45 7.70 -2.73
C ASP B 290 17.35 6.51 -3.68
N LEU B 291 16.50 5.52 -3.35
CA LEU B 291 16.27 4.39 -4.24
C LEU B 291 15.06 4.58 -5.15
N GLN B 292 14.37 5.70 -5.03
CA GLN B 292 13.10 5.84 -5.70
C GLN B 292 13.20 5.65 -7.20
N ASP B 293 12.34 4.77 -7.71
CA ASP B 293 12.23 4.44 -9.13
C ASP B 293 13.50 3.78 -9.69
N LYS B 294 14.39 3.32 -8.84
CA LYS B 294 15.58 2.62 -9.34
C LYS B 294 15.43 1.14 -9.02
N ILE B 295 16.36 0.34 -9.51
CA ILE B 295 16.41 -1.10 -9.23
C ILE B 295 17.52 -1.32 -8.23
N THR B 296 17.16 -1.93 -7.09
CA THR B 296 18.06 -2.19 -5.98
C THR B 296 18.57 -3.63 -5.98
N ILE B 297 17.72 -4.57 -6.36
CA ILE B 297 18.10 -5.98 -6.39
C ILE B 297 17.58 -6.61 -7.67
N HIS B 298 18.45 -7.34 -8.35
CA HIS B 298 18.02 -7.99 -9.57
C HIS B 298 18.96 -9.14 -9.89
N GLN B 299 18.47 -10.00 -10.79
CA GLN B 299 19.28 -11.07 -11.34
C GLN B 299 20.21 -10.51 -12.38
N CYS B 300 21.38 -11.14 -12.48
CA CYS B 300 22.39 -10.83 -13.47
C CYS B 300 22.54 -12.04 -14.37
N PHE B 301 22.53 -11.81 -15.65
CA PHE B 301 22.52 -12.87 -16.63
C PHE B 301 23.81 -12.79 -17.43
N ASN B 302 24.56 -13.89 -17.48
CA ASN B 302 25.63 -13.97 -18.44
C ASN B 302 25.09 -14.60 -19.72
N VAL B 303 25.97 -14.82 -20.69
CA VAL B 303 25.49 -15.27 -22.00
C VAL B 303 24.88 -16.67 -21.91
N GLU B 304 25.48 -17.57 -21.13
CA GLU B 304 24.94 -18.91 -20.98
C GLU B 304 23.56 -18.87 -20.32
N ASP B 305 23.38 -18.01 -19.33
CA ASP B 305 22.09 -17.86 -18.69
C ASP B 305 21.07 -17.33 -19.67
N VAL B 306 21.47 -16.33 -20.45
CA VAL B 306 20.54 -15.74 -21.43
C VAL B 306 20.05 -16.81 -22.39
N LYS B 307 20.97 -17.66 -22.85
CA LYS B 307 20.61 -18.71 -23.79
C LYS B 307 19.60 -19.67 -23.17
N HIS B 308 19.74 -19.93 -21.87
CA HIS B 308 18.82 -20.83 -21.21
C HIS B 308 17.47 -20.20 -20.94
N TYR B 309 17.46 -19.00 -20.34
CA TYR B 309 16.23 -18.38 -19.91
C TYR B 309 15.44 -17.73 -21.06
N PHE B 310 16.09 -16.94 -21.89
CA PHE B 310 15.40 -16.05 -22.84
C PHE B 310 15.29 -16.71 -24.21
N THR B 311 14.68 -17.88 -24.16
CA THR B 311 14.57 -18.73 -25.31
C THR B 311 13.09 -18.85 -25.65
N ASN B 312 12.82 -19.78 -26.54
CA ASN B 312 11.46 -20.14 -26.92
C ASN B 312 11.28 -21.65 -26.81
N ILE B 313 10.44 -22.05 -25.86
CA ILE B 313 10.04 -23.45 -25.69
C ILE B 313 8.53 -23.47 -25.67
N ASP B 314 7.96 -24.25 -26.58
CA ASP B 314 6.51 -24.39 -26.72
C ASP B 314 5.83 -24.62 -25.39
N LYS B 315 4.85 -23.78 -25.09
CA LYS B 315 4.03 -23.93 -23.88
C LYS B 315 4.85 -23.77 -22.60
N VAL B 316 6.04 -23.16 -22.67
CA VAL B 316 6.87 -22.91 -21.49
C VAL B 316 7.34 -21.46 -21.41
N ILE B 317 8.07 -21.00 -22.42
CA ILE B 317 8.72 -19.69 -22.41
C ILE B 317 8.72 -19.12 -23.81
N VAL B 318 8.44 -17.84 -23.88
CA VAL B 318 8.30 -17.10 -25.13
C VAL B 318 9.15 -15.84 -25.00
N THR B 319 10.05 -15.63 -25.95
CA THR B 319 10.93 -14.48 -25.93
C THR B 319 11.00 -13.91 -27.33
N TYR B 320 10.63 -12.64 -27.46
CA TYR B 320 10.69 -11.92 -28.71
C TYR B 320 11.65 -10.75 -28.57
N VAL B 321 12.34 -10.44 -29.65
CA VAL B 321 13.25 -9.30 -29.64
C VAL B 321 12.88 -8.41 -30.82
N ARG B 322 13.27 -7.14 -30.69
CA ARG B 322 13.16 -6.16 -31.76
C ARG B 322 14.55 -5.74 -32.19
N GLU B 323 14.78 -5.70 -33.50
CA GLU B 323 16.07 -5.31 -34.08
C GLU B 323 15.94 -3.98 -34.81
N ASN B 324 16.97 -3.17 -34.73
CA ASN B 324 17.07 -2.02 -35.61
C ASN B 324 17.52 -2.47 -37.00
N LYS B 325 17.64 -1.50 -37.92
CA LYS B 325 18.13 -1.78 -39.27
C LYS B 325 19.49 -2.48 -39.24
N ASN B 326 20.39 -2.06 -38.35
CA ASN B 326 21.73 -2.62 -38.26
C ASN B 326 21.81 -3.93 -37.45
N LYS B 327 20.69 -4.67 -37.42
CA LYS B 327 20.63 -5.99 -36.81
C LYS B 327 21.08 -5.99 -35.35
N GLU B 328 21.11 -4.84 -34.69
CA GLU B 328 21.33 -4.81 -33.26
C GLU B 328 19.99 -4.86 -32.54
N ILE B 329 19.96 -5.56 -31.42
CA ILE B 329 18.72 -5.82 -30.71
C ILE B 329 18.50 -4.68 -29.73
N THR B 330 17.32 -4.05 -29.83
CA THR B 330 17.01 -2.86 -29.04
C THR B 330 15.89 -3.06 -28.03
N ASP B 331 15.12 -4.15 -28.13
CA ASP B 331 13.98 -4.37 -27.26
C ASP B 331 13.81 -5.86 -27.05
N LEU B 332 13.15 -6.23 -25.95
CA LEU B 332 12.89 -7.65 -25.66
C LEU B 332 11.62 -7.78 -24.83
N PHE B 333 10.75 -8.71 -25.18
CA PHE B 333 9.71 -9.11 -24.24
C PHE B 333 9.74 -10.62 -24.03
N SER B 334 9.33 -11.03 -22.85
CA SER B 334 9.37 -12.45 -22.52
C SER B 334 8.26 -12.74 -21.53
N PHE B 335 7.74 -13.95 -21.59
CA PHE B 335 6.80 -14.44 -20.61
C PHE B 335 6.86 -15.96 -20.59
N PHE B 336 6.60 -16.53 -19.43
CA PHE B 336 6.49 -17.98 -19.33
C PHE B 336 5.04 -18.34 -19.16
N ILE B 337 4.78 -19.61 -19.35
CA ILE B 337 3.43 -20.13 -19.44
C ILE B 337 3.28 -21.26 -18.45
N ILE B 338 2.24 -21.18 -17.63
CA ILE B 338 1.92 -22.25 -16.71
C ILE B 338 0.44 -22.55 -16.85
N GLU B 339 0.12 -23.83 -17.01
CA GLU B 339 -1.25 -24.30 -16.85
C GLU B 339 -1.63 -24.38 -15.38
N SER B 340 -2.89 -24.12 -15.11
CA SER B 340 -3.49 -24.31 -13.80
C SER B 340 -4.67 -25.26 -13.91
N THR B 341 -4.74 -26.18 -12.97
CA THR B 341 -5.90 -27.03 -12.81
C THR B 341 -7.05 -26.22 -12.23
N VAL B 342 -8.20 -26.30 -12.87
CA VAL B 342 -9.43 -25.72 -12.33
C VAL B 342 -10.05 -26.83 -11.47
N ILE B 343 -9.88 -26.74 -10.15
CA ILE B 343 -10.20 -27.86 -9.29
C ILE B 343 -11.68 -28.17 -9.37
N ASN B 344 -12.00 -29.46 -9.45
CA ASN B 344 -13.37 -29.97 -9.50
C ASN B 344 -14.24 -29.21 -10.49
N ASN B 345 -13.70 -29.00 -11.68
CA ASN B 345 -14.50 -28.48 -12.79
C ASN B 345 -14.41 -29.45 -13.96
N GLU B 346 -15.51 -30.16 -14.21
CA GLU B 346 -15.58 -31.05 -15.36
C GLU B 346 -15.40 -30.28 -16.68
N ARG B 347 -16.08 -29.13 -16.82
CA ARG B 347 -16.25 -28.54 -18.16
C ARG B 347 -14.96 -27.91 -18.67
N PHE B 348 -14.35 -27.03 -17.88
CA PHE B 348 -13.03 -26.48 -18.22
C PHE B 348 -12.06 -26.98 -17.15
N PRO B 349 -11.29 -28.03 -17.43
CA PRO B 349 -10.43 -28.59 -16.39
C PRO B 349 -9.16 -27.80 -16.16
N THR B 350 -8.73 -27.01 -17.13
CA THR B 350 -7.47 -26.28 -17.04
C THR B 350 -7.57 -24.91 -17.69
N ILE B 351 -6.68 -24.03 -17.25
CA ILE B 351 -6.52 -22.75 -17.92
C ILE B 351 -5.02 -22.53 -18.12
N ASN B 352 -4.70 -21.76 -19.14
CA ASN B 352 -3.32 -21.49 -19.52
C ASN B 352 -3.06 -20.03 -19.23
N ILE B 353 -2.10 -19.75 -18.37
CA ILE B 353 -1.76 -18.39 -17.98
C ILE B 353 -0.34 -18.08 -18.44
N ALA B 354 -0.18 -16.91 -19.02
CA ALA B 354 1.11 -16.32 -19.31
C ALA B 354 1.52 -15.40 -18.17
N TYR B 355 2.81 -15.44 -17.84
CA TYR B 355 3.38 -14.71 -16.73
C TYR B 355 4.49 -13.83 -17.26
N SER B 356 4.38 -12.54 -17.06
CA SER B 356 5.41 -11.61 -17.50
C SER B 356 6.74 -11.96 -16.85
N TYR B 357 7.81 -11.98 -17.65
CA TYR B 357 9.12 -12.39 -17.14
C TYR B 357 9.99 -11.13 -17.10
N PHE B 358 10.86 -10.90 -18.07
CA PHE B 358 11.63 -9.67 -18.15
C PHE B 358 11.35 -8.96 -19.49
N ASN B 359 11.21 -7.65 -19.41
CA ASN B 359 10.85 -6.86 -20.57
C ASN B 359 11.64 -5.57 -20.59
N ILE B 360 12.21 -5.26 -21.75
CA ILE B 360 13.08 -4.11 -21.94
C ILE B 360 12.57 -3.37 -23.16
N ALA B 361 12.14 -2.14 -22.94
CA ALA B 361 11.62 -1.28 -24.01
C ALA B 361 12.56 -0.09 -24.14
N ASN B 362 13.25 -0.01 -25.28
CA ASN B 362 14.06 1.13 -25.59
C ASN B 362 13.56 1.92 -26.79
N THR B 363 12.87 1.27 -27.75
CA THR B 363 12.43 1.98 -28.95
C THR B 363 10.93 2.11 -29.04
N CYS B 364 10.23 1.79 -27.97
CA CYS B 364 8.78 1.88 -27.94
C CYS B 364 8.42 2.05 -26.47
N SER B 365 7.21 2.52 -26.23
CA SER B 365 6.82 2.62 -24.83
C SER B 365 6.66 1.22 -24.26
N LEU B 366 6.67 1.14 -22.93
CA LEU B 366 6.46 -0.16 -22.32
C LEU B 366 5.02 -0.65 -22.56
N LYS B 367 4.04 0.25 -22.64
CA LYS B 367 2.69 -0.16 -23.01
C LYS B 367 2.64 -0.76 -24.41
N GLU B 368 3.37 -0.20 -25.34
CA GLU B 368 3.38 -0.75 -26.68
C GLU B 368 3.97 -2.13 -26.67
N LEU B 369 5.06 -2.31 -25.92
CA LEU B 369 5.73 -3.61 -25.82
C LEU B 369 4.80 -4.62 -25.20
N PHE B 370 4.11 -4.22 -24.15
CA PHE B 370 3.23 -5.15 -23.50
C PHE B 370 2.07 -5.48 -24.40
N ASN B 371 1.66 -4.53 -25.24
CA ASN B 371 0.59 -4.86 -26.17
C ASN B 371 1.03 -5.91 -27.19
N GLU B 372 2.23 -5.78 -27.76
CA GLU B 372 2.73 -6.84 -28.64
C GLU B 372 2.85 -8.16 -27.89
N MET B 373 3.31 -8.11 -26.64
CA MET B 373 3.45 -9.34 -25.85
C MET B 373 2.09 -9.98 -25.57
N LEU B 374 1.09 -9.16 -25.26
CA LEU B 374 -0.27 -9.66 -25.02
C LEU B 374 -0.82 -10.37 -26.24
N ILE B 375 -0.68 -9.76 -27.41
CA ILE B 375 -1.15 -10.42 -28.63
C ILE B 375 -0.40 -11.72 -28.86
N THR B 376 0.89 -11.72 -28.57
CA THR B 376 1.66 -12.97 -28.71
C THR B 376 1.19 -14.01 -27.71
N ALA B 377 0.85 -13.60 -26.49
CA ALA B 377 0.32 -14.54 -25.52
C ALA B 377 -1.03 -15.08 -25.98
N LYS B 378 -1.89 -14.21 -26.54
CA LYS B 378 -3.14 -14.70 -27.11
C LYS B 378 -2.86 -15.75 -28.19
N ASN B 379 -1.89 -15.50 -29.06
CA ASN B 379 -1.62 -16.44 -30.13
C ASN B 379 -0.95 -17.70 -29.63
N ASN B 380 -0.50 -17.72 -28.38
CA ASN B 380 0.02 -18.93 -27.76
C ASN B 380 -1.03 -19.67 -26.94
N ASN B 381 -2.31 -19.44 -27.22
CA ASN B 381 -3.43 -20.07 -26.51
C ASN B 381 -3.42 -19.74 -25.02
N CYS B 382 -2.96 -18.56 -24.60
CA CYS B 382 -3.07 -18.19 -23.20
C CYS B 382 -4.41 -17.54 -22.92
N ASP B 383 -4.98 -17.86 -21.76
CA ASP B 383 -6.30 -17.36 -21.41
C ASP B 383 -6.22 -16.03 -20.71
N ALA B 384 -5.10 -15.79 -20.02
CA ALA B 384 -4.86 -14.56 -19.30
C ALA B 384 -3.35 -14.34 -19.27
N PHE B 385 -3.01 -13.10 -18.93
CA PHE B 385 -1.64 -12.64 -18.88
C PHE B 385 -1.48 -12.01 -17.52
N ASN B 386 -0.60 -12.56 -16.71
CA ASN B 386 -0.34 -12.10 -15.35
C ASN B 386 0.95 -11.30 -15.34
N THR B 387 0.94 -10.15 -14.67
CA THR B 387 2.14 -9.35 -14.45
C THR B 387 2.18 -8.97 -12.97
N LEU B 388 3.36 -9.03 -12.39
CA LEU B 388 3.62 -8.38 -11.10
C LEU B 388 3.93 -6.90 -11.30
N ASP B 389 3.72 -6.12 -10.25
CA ASP B 389 4.12 -4.70 -10.31
C ASP B 389 5.61 -4.50 -10.00
N LEU B 390 6.46 -5.40 -10.48
CA LEU B 390 7.89 -5.27 -10.36
C LEU B 390 8.47 -4.34 -11.43
N MET B 391 9.70 -3.87 -11.18
CA MET B 391 10.48 -3.11 -12.18
C MET B 391 9.60 -1.94 -12.59
N GLN B 392 9.42 -1.67 -13.89
CA GLN B 392 8.59 -0.55 -14.33
C GLN B 392 7.22 -0.98 -14.78
N ASN B 393 6.76 -2.13 -14.32
CA ASN B 393 5.51 -2.65 -14.84
C ASN B 393 4.32 -1.78 -14.47
N LEU B 394 4.36 -1.08 -13.33
CA LEU B 394 3.22 -0.22 -13.04
C LEU B 394 2.90 0.73 -14.17
N GLN B 395 3.90 1.09 -14.98
CA GLN B 395 3.63 1.98 -16.12
C GLN B 395 2.67 1.35 -17.12
N VAL B 396 2.56 0.04 -17.14
N VAL B 396 2.51 0.04 -17.12
CA VAL B 396 1.64 -0.65 -18.02
CA VAL B 396 1.59 -0.62 -18.04
C VAL B 396 0.31 -0.89 -17.32
C VAL B 396 0.28 -0.92 -17.33
N ILE B 397 0.33 -1.10 -16.01
CA ILE B 397 -0.91 -1.35 -15.27
C ILE B 397 -1.74 -0.09 -15.17
N GLN B 398 -1.11 1.05 -14.89
CA GLN B 398 -1.86 2.29 -14.74
C GLN B 398 -2.68 2.58 -15.98
N ASP B 399 -3.90 3.07 -15.77
CA ASP B 399 -4.80 3.47 -16.85
C ASP B 399 -4.83 2.44 -17.98
N SER B 400 -5.19 1.22 -17.62
CA SER B 400 -5.18 0.11 -18.58
C SER B 400 -6.32 -0.84 -18.26
N LYS B 401 -6.37 -1.94 -19.00
N LYS B 401 -6.37 -1.94 -19.00
CA LYS B 401 -7.39 -2.96 -18.79
CA LYS B 401 -7.38 -2.97 -18.80
C LYS B 401 -6.92 -4.06 -17.85
C LYS B 401 -6.94 -4.04 -17.82
N PHE B 402 -5.73 -3.94 -17.27
CA PHE B 402 -5.32 -4.89 -16.25
C PHE B 402 -6.26 -4.78 -15.07
N ILE B 403 -6.58 -5.90 -14.43
CA ILE B 403 -7.37 -5.88 -13.23
C ILE B 403 -6.62 -6.62 -12.12
N ILE B 404 -6.91 -6.23 -10.87
CA ILE B 404 -6.10 -6.69 -9.76
C ILE B 404 -6.31 -8.18 -9.61
N GLY B 405 -5.25 -8.90 -9.36
CA GLY B 405 -5.36 -10.28 -8.95
C GLY B 405 -5.81 -10.42 -7.51
N THR B 406 -5.82 -11.65 -7.05
CA THR B 406 -6.15 -12.01 -5.69
C THR B 406 -4.87 -12.53 -5.06
N GLY B 407 -4.42 -11.87 -4.01
CA GLY B 407 -3.22 -12.31 -3.32
C GLY B 407 -1.99 -11.52 -3.77
N ARG B 408 -0.89 -11.78 -3.06
CA ARG B 408 0.32 -11.01 -3.24
C ARG B 408 1.52 -11.89 -2.91
N LEU B 409 2.65 -11.53 -3.49
CA LEU B 409 3.89 -12.29 -3.38
C LEU B 409 4.81 -11.54 -2.45
N ARG B 410 5.06 -12.12 -1.29
CA ARG B 410 6.05 -11.62 -0.38
C ARG B 410 7.43 -12.08 -0.82
N TYR B 411 8.35 -11.12 -0.97
CA TYR B 411 9.73 -11.40 -1.30
C TYR B 411 10.58 -11.47 -0.03
N TYR B 412 11.40 -12.52 0.07
CA TYR B 412 12.24 -12.71 1.23
C TYR B 412 13.65 -12.93 0.76
N VAL B 413 14.59 -12.54 1.59
CA VAL B 413 15.96 -12.88 1.36
C VAL B 413 16.46 -13.52 2.64
N PHE B 414 16.97 -14.74 2.52
CA PHE B 414 17.59 -15.41 3.64
C PHE B 414 19.00 -14.89 3.85
N ASN B 415 19.27 -14.43 5.08
CA ASN B 415 20.60 -14.04 5.55
C ASN B 415 21.13 -12.81 4.84
N TRP B 416 20.26 -11.88 4.48
CA TRP B 416 20.70 -10.59 4.01
C TRP B 416 19.69 -9.55 4.47
N LYS B 417 20.15 -8.32 4.67
CA LYS B 417 19.30 -7.23 5.12
C LYS B 417 18.98 -6.39 3.91
N ILE B 418 17.68 -6.19 3.64
CA ILE B 418 17.23 -5.32 2.59
C ILE B 418 16.12 -4.45 3.22
N PRO B 419 16.22 -3.15 3.21
CA PRO B 419 15.12 -2.36 3.74
C PRO B 419 13.85 -2.62 2.94
N GLN B 420 12.73 -2.32 3.53
CA GLN B 420 11.50 -2.49 2.78
C GLN B 420 11.50 -1.53 1.63
N ILE B 421 11.32 -2.08 0.43
CA ILE B 421 11.42 -1.30 -0.81
C ILE B 421 10.19 -1.59 -1.66
N SER B 422 9.96 -0.68 -2.60
CA SER B 422 8.86 -0.86 -3.53
C SER B 422 9.20 -2.00 -4.49
N PRO B 423 8.18 -2.72 -4.94
CA PRO B 423 8.45 -3.75 -5.94
C PRO B 423 9.04 -3.17 -7.22
N SER B 424 8.85 -1.87 -7.49
CA SER B 424 9.54 -1.25 -8.62
C SER B 424 11.05 -1.32 -8.49
N ASN B 425 11.57 -1.52 -7.28
N ASN B 425 11.57 -1.52 -7.29
CA ASN B 425 13.01 -1.64 -7.04
CA ASN B 425 13.01 -1.64 -7.06
C ASN B 425 13.53 -3.07 -7.20
C ASN B 425 13.53 -3.07 -7.21
N VAL B 426 12.69 -4.01 -7.59
CA VAL B 426 13.04 -5.42 -7.60
C VAL B 426 12.94 -5.95 -9.02
N GLY B 427 14.01 -6.63 -9.44
CA GLY B 427 14.11 -7.25 -10.74
C GLY B 427 14.48 -8.71 -10.61
N ILE B 428 13.67 -9.41 -9.82
CA ILE B 428 13.79 -10.84 -9.58
C ILE B 428 12.43 -11.45 -9.86
N ILE B 429 12.39 -12.40 -10.79
CA ILE B 429 11.16 -13.13 -11.10
C ILE B 429 11.41 -14.59 -10.80
N LEU B 430 10.57 -15.16 -9.95
CA LEU B 430 10.64 -16.57 -9.62
C LEU B 430 9.58 -17.31 -10.43
N PHE B 431 9.84 -18.59 -10.68
CA PHE B 431 8.95 -19.41 -11.51
C PHE B 431 7.83 -20.08 -10.70
S1 MYA C . -16.95 15.69 2.14
C2 MYA C . -16.89 17.18 1.10
C3 MYA C . -17.90 16.91 -0.04
N4 MYA C . -17.62 17.87 -1.09
C5 MYA C . -18.45 19.05 -1.24
O5 MYA C . -19.36 19.22 -0.48
C6 MYA C . -18.00 19.98 -2.39
C7 MYA C . -19.15 20.77 -3.01
N8 MYA C . -20.09 19.79 -3.47
C9 MYA C . -19.79 18.96 -4.62
O9 MYA C . -18.77 19.07 -5.23
C10 MYA C . -20.90 17.97 -4.97
O10 MYA C . -22.06 18.44 -4.30
C11 MYA C . -20.65 16.56 -4.47
C12 MYA C . -21.90 15.73 -4.67
C13 MYA C . -20.38 16.51 -2.97
C14 MYA C . -19.49 15.95 -5.27
N1A MYA C . -20.47 12.21 0.72
O1A MYA C . -26.04 13.80 -7.94
P1A MYA C . -24.77 13.52 -7.20
C1X MYA C . -24.25 11.14 -2.45
C2A MYA C . -21.01 11.04 0.46
O2A MYA C . -23.61 13.31 -8.13
P2A MYA C . -23.72 16.02 -6.46
C2M MYA C . -15.77 14.56 1.38
O2M MYA C . -14.97 14.91 0.60
C2X MYA C . -25.80 11.39 -2.24
O2X MYA C . -26.17 10.85 -0.91
N3A MYA C . -22.01 10.90 -0.40
O3A MYA C . -24.52 14.67 -6.09
C3M MYA C . -15.92 13.11 1.78
C3X MYA C . -26.41 10.78 -3.15
O3X MYA C . -26.45 9.34 -3.05
P3X MYA C . -27.84 8.65 -2.59
C4A MYA C . -22.51 11.93 -1.06
O4A MYA C . -23.83 16.31 -7.92
C4M MYA C . -16.83 12.41 0.80
C4X MYA C . -25.41 10.96 -4.48
O4X MYA C . -24.20 11.07 -4.00
C5A MYA C . -21.98 13.17 -0.80
O5A MYA C . -24.39 17.02 -5.55
C5M MYA C . -16.81 10.90 1.11
C5X MYA C . -25.84 12.17 -5.25
O5X MYA C . -24.96 12.17 -6.32
C6A MYA C . -20.93 13.30 0.11
N6A MYA C . -20.34 14.58 0.41
O6A MYA C . -22.14 15.76 -6.03
C6M MYA C . -17.47 10.12 0.00
N7A MYA C . -22.64 14.04 -1.56
O7A MYA C . -28.30 9.41 -1.35
C7M MYA C . -17.78 8.75 0.56
C8A MYA C . -23.55 13.38 -2.26
O8A MYA C . -28.81 8.65 -3.74
C8M MYA C . -16.53 7.86 0.58
N9A MYA C . -23.50 12.09 -1.97
O9A MYA C . -27.54 7.23 -2.15
C9M MYA C . -16.96 6.46 0.97
CAM MYA C . -15.76 5.56 1.22
CBM MYA C . -15.24 4.96 -0.08
CCM MYA C . -13.94 4.20 0.21
CDM MYA C . -14.21 2.75 0.58
CEM MYA C . -12.90 1.97 0.56
CFM MYA C . -13.12 0.50 0.87
H2 MYA C . -17.20 18.05 1.67
H2A MYA C . -15.89 17.33 0.70
H3 MYA C . -18.91 17.03 0.32
H3A MYA C . -17.75 15.91 -0.42
HN4 MYA C . -16.86 17.73 -1.71
H6 MYA C . -17.27 20.68 -2.00
H6A MYA C . -17.53 19.38 -3.16
H7 MYA C . -18.80 21.38 -3.83
H7A MYA C . -19.61 21.40 -2.25
HN8 MYA C . -20.95 19.66 -2.99
H10 MYA C . -21.06 17.96 -6.04
HO10 MYA C . -22.39 19.20 -4.73
H12 MYA C . -22.73 16.17 -4.13
H12A MYA C . -21.74 14.71 -4.34
H13 MYA C . -20.54 15.49 -2.61
H13A MYA C . -21.06 17.18 -2.46
H13B MYA C . -19.36 16.82 -2.78
H14 MYA C . -19.37 14.91 -4.98
H14A MYA C . -19.70 16.02 -6.32
H14B MYA C . -18.58 16.49 -5.04
H1X MYA C . -23.96 10.19 -2.04
H2AA MYA C . -20.63 10.16 0.97
H2X MYA C . -26.03 12.45 -2.29
HO2X MYA C . -26.02 9.92 -0.89
H3M MYA C . -16.34 13.04 2.79
H3MA MYA C . -14.94 12.63 1.77
H3X MYA C . -27.39 11.20 -3.34
H4M MYA C . -17.85 12.79 0.92
H4MA MYA C . -16.49 12.58 -0.21
H4X MYA C . -25.48 10.09 -5.11
H5M MYA C . -17.33 10.74 2.04
H5MA MYA C . -15.78 10.57 1.22
H5X MYA C . -26.87 12.08 -5.59
H5XA MYA C . -25.72 13.06 -4.65
HN6A MYA C . -20.79 15.42 0.12
HN6B MYA C . -19.47 14.63 0.91
H6M MYA C . -16.79 10.03 -0.84
H6MA MYA C . -18.37 10.62 -0.31
H7M MYA C . -18.19 8.84 1.55
H7MA MYA C . -18.53 8.28 -0.09
H8A MYA C . -24.25 13.83 -2.96
H8M MYA C . -16.07 7.85 -0.40
H8MA MYA C . -15.83 8.24 1.32
H9M MYA C . -17.56 6.51 1.87
H9MA MYA C . -17.56 6.05 0.16
HAM MYA C . -16.05 4.76 1.89
HAMA MYA C . -14.97 6.15 1.67
HBM MYA C . -15.05 5.74 -0.80
HBMA MYA C . -15.98 4.27 -0.47
HCM MYA C . -13.33 4.22 -0.69
HCMA MYA C . -13.41 4.69 1.01
HDM MYA C . -14.90 2.30 -0.13
HDMA MYA C . -14.64 2.70 1.58
HEM MYA C . -12.22 2.38 1.29
HEMA MYA C . -12.45 2.06 -0.43
HFM MYA C . -12.88 0.31 1.91
HFMA MYA C . -14.16 0.25 0.69
HFMB MYA C . -12.49 -0.11 0.23
C01 XOL D . -17.19 26.41 6.91
C02 XOL D . -17.96 26.15 5.78
C03 XOL D . -18.41 24.85 5.53
C04 XOL D . -18.09 23.83 6.39
C06 XOL D . -16.88 25.37 7.82
C10 XOL D . -15.49 23.62 10.67
C11 XOL D . -14.76 22.45 10.74
C13 XOL D . -14.39 22.84 13.09
C14 XOL D . -15.12 24.00 13.00
C17 XOL D . -13.63 22.20 8.53
C18 XOL D . -13.68 21.44 7.21
C21 XOL D . -14.26 20.22 9.68
C22 XOL D . -16.72 27.84 7.17
C05 XOL D . -17.31 24.09 7.54
C08 XOL D . -16.16 24.07 9.38
C12 XOL D . -14.20 22.07 11.95
C15 XOL D . -15.69 24.37 11.81
C20 XOL D . -14.41 19.47 8.35
C24 XOL D . -15.61 29.34 8.89
C26 XOL D . -14.70 30.87 10.41
C27 XOL D . -15.05 31.65 9.28
N07 XOL D . -16.15 25.32 8.96
N09 XOL D . -16.84 23.30 8.54
N16 XOL D . -14.58 21.67 9.55
N19 XOL D . -13.62 20.03 7.31
N23 XOL D . -16.07 28.06 8.44
N25 XOL D . -15.07 29.48 10.16
O29 XOL D . -16.88 28.70 6.39
S28 XOL D . -15.72 30.77 8.11
H021 XOL D . -18.21 26.95 5.10
H031 XOL D . -19.00 24.65 4.64
H041 XOL D . -18.43 22.82 6.19
H131 XOL D . -13.94 22.54 14.03
H141 XOL D . -15.28 24.61 13.89
H171 XOL D . -13.84 23.24 8.34
H172 XOL D . -12.62 22.11 8.93
H181 XOL D . -14.62 21.71 6.71
H182 XOL D . -12.85 21.77 6.59
H211 XOL D . -13.23 20.11 10.02
H212 XOL D . -14.92 19.78 10.41
H121 XOL D . -13.60 21.15 12.00
H151 XOL D . -16.27 25.29 11.75
H201 XOL D . -15.45 19.48 8.05
H202 XOL D . -14.09 18.45 8.51
H261 XOL D . -14.24 31.25 11.32
H271 XOL D . -14.89 32.73 9.21
H09 XOL D . -17.01 22.32 8.65
H192 XOL D . -14.00 19.68 6.51
H231 XOL D . -15.97 27.32 9.09
H191 XOL D . -12.71 19.70 7.33
O1 PG4 E . -22.01 0.15 -10.88
C1 PG4 E . -22.28 0.78 -12.14
C2 PG4 E . -22.03 2.26 -12.10
O2 PG4 E . -22.60 2.82 -10.92
C3 PG4 E . -22.70 4.25 -10.95
C4 PG4 E . -23.31 4.71 -9.66
O3 PG4 E . -24.51 3.98 -9.41
C5 PG4 E . -24.98 4.19 -8.09
C6 PG4 E . -25.86 3.06 -7.68
O4 PG4 E . -25.08 1.91 -7.51
C7 PG4 E . -25.92 0.82 -7.13
C8 PG4 E . -25.40 -0.48 -7.70
O5 PG4 E . -24.60 -1.21 -6.77
HO1 PG4 E . -21.64 -0.60 -11.05
H11 PG4 E . -23.20 0.62 -12.37
H12 PG4 E . -21.70 0.38 -12.82
H21 PG4 E . -22.44 2.67 -12.89
H22 PG4 E . -21.08 2.44 -12.11
H31 PG4 E . -21.82 4.64 -11.05
H32 PG4 E . -23.26 4.52 -11.69
H41 PG4 E . -22.68 4.57 -8.94
H42 PG4 E . -23.51 5.66 -9.72
H51 PG4 E . -24.23 4.26 -7.48
H52 PG4 E . -25.48 5.02 -8.06
H61 PG4 E . -26.30 3.28 -6.85
H62 PG4 E . -26.52 2.91 -8.37
H71 PG4 E . -25.93 0.75 -6.16
H72 PG4 E . -26.82 0.97 -7.45
H81 PG4 E . -24.86 -0.27 -8.47
H82 PG4 E . -26.15 -1.02 -7.97
HO5 PG4 E . -24.33 -1.90 -7.17
OH2 1PE F . -25.48 9.35 -16.26
C12 1PE F . -25.14 8.48 -15.18
C22 1PE F . -23.65 8.38 -15.00
OH3 1PE F . -23.01 8.36 -16.26
C13 1PE F . -21.39 7.32 -17.67
C23 1PE F . -22.36 7.12 -16.55
OH4 1PE F . -21.79 6.64 -18.85
C14 1PE F . -22.20 7.37 -21.09
C24 1PE F . -22.68 7.37 -19.68
OH5 1PE F . -22.13 8.73 -21.54
C15 1PE F . -22.98 10.32 -23.04
C25 1PE F . -23.33 9.18 -22.14
OH6 1PE F . -22.56 11.44 -22.27
C16 1PE F . -23.76 11.88 -20.24
C26 1PE F . -23.66 12.16 -21.70
OH7 1PE F . -25.09 11.63 -19.82
HO2 1PE F . -24.77 9.48 -16.70
H121 1PE F . -25.49 7.60 -15.36
H122 1PE F . -25.54 8.83 -14.36
H221 1PE F . -23.45 7.58 -14.50
H222 1PE F . -23.34 9.15 -14.49
H131 1PE F . -20.53 6.97 -17.39
H132 1PE F . -21.29 8.27 -17.84
H231 1PE F . -21.88 6.82 -15.77
H232 1PE F . -23.03 6.47 -16.81
H141 1PE F . -22.80 6.86 -21.64
H142 1PE F . -21.31 6.98 -21.13
H241 1PE F . -22.72 8.29 -19.37
H242 1PE F . -23.56 6.98 -19.63
H151 1PE F . -23.74 10.55 -23.58
H152 1PE F . -22.26 10.05 -23.63
H251 1PE F . -23.95 9.49 -21.46
H252 1PE F . -23.73 8.48 -22.65
H161 1PE F . -23.23 11.09 -20.03
H162 1PE F . -23.41 12.64 -19.75
H261 1PE F . -24.48 11.87 -22.13
H262 1PE F . -23.54 13.10 -21.84
HO7 1PE F . -25.52 12.36 -19.94
C1 PGE G . -14.69 -0.74 32.85
O1 PGE G . -15.07 0.62 32.98
C2 PGE G . -14.48 -1.06 31.38
O2 PGE G . -13.20 -0.63 30.96
C3 PGE G . -12.40 -1.63 30.37
C4 PGE G . -11.68 -1.07 29.16
O4 PGE G . -9.39 1.98 31.55
C6 PGE G . -9.23 1.47 30.24
C5 PGE G . -9.93 0.12 30.14
O3 PGE G . -11.16 0.20 29.46
H1 PGE G . -13.75 -0.96 33.38
H12 PGE G . -15.47 -1.43 33.23
HO1 PGE G . -15.43 0.74 33.87
H2 PGE G . -14.62 -2.16 31.24
H22 PGE G . -15.27 -0.57 30.79
H3 PGE G . -11.63 -1.96 31.08
H32 PGE G . -12.98 -2.51 30.06
H4 PGE G . -10.88 -1.77 28.86
H42 PGE G . -12.40 -1.01 28.32
HO4 PGE G . -8.60 2.48 31.77
H6 PGE G . -8.16 1.32 29.98
H62 PGE G . -9.66 2.13 29.48
H5 PGE G . -10.08 -0.26 31.16
H52 PGE G . -9.25 -0.59 29.63
C1 EDO H . -20.12 -0.20 -16.47
O1 EDO H . -21.15 -0.69 -15.61
C2 EDO H . -19.74 1.25 -16.19
O2 EDO H . -19.57 1.60 -14.85
H11 EDO H . -20.47 -0.27 -17.50
H12 EDO H . -19.24 -0.85 -16.40
HO1 EDO H . -21.35 -1.62 -15.84
H21 EDO H . -20.51 1.89 -16.63
H22 EDO H . -18.80 1.45 -16.72
HO2 EDO H . -19.47 2.56 -14.78
S1 MYA I . 6.63 -21.04 -1.91
C2 MYA I . 5.48 -22.41 -2.29
C3 MYA I . 5.28 -23.30 -1.06
N4 MYA I . 4.52 -24.46 -1.49
C5 MYA I . 3.08 -24.51 -1.37
O5 MYA I . 2.44 -23.63 -0.92
C6 MYA I . 2.40 -25.78 -1.84
C7 MYA I . 1.29 -26.19 -0.90
N8 MYA I . 1.70 -26.26 0.50
C9 MYA I . 2.61 -27.27 1.03
O9 MYA I . 3.13 -28.09 0.34
C10 MYA I . 2.89 -27.19 2.53
O10 MYA I . 1.84 -26.44 3.12
C11 MYA I . 4.24 -26.54 2.79
C12 MYA I . 4.33 -26.24 4.30
C13 MYA I . 4.42 -25.23 2.03
C14 MYA I . 5.37 -27.48 2.38
N1A MYA I . 7.82 -20.92 3.18
O1A MYA I . 3.84 -28.07 9.65
P1A MYA I . 4.70 -27.58 8.54
C1X MYA I . 6.72 -22.77 7.70
C2A MYA I . 8.55 -20.89 4.30
O2A MYA I . 5.45 -28.73 7.85
P2A MYA I . 3.15 -27.61 6.17
C2M MYA I . 8.30 -21.79 -2.05
O2M MYA I . 8.45 -22.84 -2.58
C2X MYA I . 5.73 -22.25 8.83
O2X MYA I . 5.89 -20.79 8.98
N3A MYA I . 8.15 -21.43 5.44
O3A MYA I . 3.77 -26.84 7.43
C3M MYA I . 9.47 -21.10 -1.41
C3X MYA I . 6.06 -22.87 9.88
O3X MYA I . 7.27 -22.40 10.53
P3X MYA I . 7.07 -21.45 11.83
C4A MYA I . 6.95 -22.03 5.48
O4A MYA I . 2.86 -29.07 6.40
C4M MYA I . 9.58 -21.62 0.01
C4X MYA I . 6.45 -24.39 9.34
O4X MYA I . 6.85 -24.27 8.11
C5A MYA I . 6.16 -22.08 4.34
O5A MYA I . 1.90 -26.88 5.80
C5M MYA I . 10.94 -21.19 0.55
C5X MYA I . 5.26 -25.26 9.41
O5X MYA I . 5.77 -26.50 9.02
C6A MYA I . 6.65 -21.52 3.18
N6A MYA I . 5.87 -21.57 1.97
O6A MYA I . 4.23 -27.47 4.95
C6M MYA I . 11.19 -21.93 1.86
N7A MYA I . 5.04 -22.72 4.68
O7A MYA I . 6.07 -20.43 11.39
C7M MYA I . 12.31 -21.24 2.63
C8A MYA I . 5.14 -23.04 5.96
O8A MYA I . 6.46 -22.35 12.86
C8M MYA I . 13.63 -21.12 1.88
N9A MYA I . 6.28 -22.64 6.47
O9A MYA I . 8.38 -20.81 12.24
C9M MYA I . 14.62 -20.39 2.77
CAM MYA I . 16.05 -20.37 2.23
CBM MYA I . 16.77 -21.71 2.49
CCM MYA I . 18.12 -21.74 1.79
CDM MYA I . 19.17 -20.87 2.49
CEM MYA I . 20.52 -21.08 1.81
CFM MYA I . 21.67 -20.28 2.43
H2 MYA I . 5.89 -23.00 -3.10
H2A MYA I . 4.52 -22.00 -2.59
H3 MYA I . 4.73 -22.76 -0.30
H3A MYA I . 6.24 -23.62 -0.67
HN4 MYA I . 5.00 -25.24 -1.88
H6 MYA I . 3.13 -26.57 -1.91
H6A MYA I . 1.98 -25.58 -2.82
H7 MYA I . 0.92 -27.16 -1.21
H7A MYA I . 0.48 -25.48 -0.98
HN8 MYA I . 1.30 -25.61 1.14
H10 MYA I . 2.90 -28.19 2.93
HO10 MYA I . 1.00 -26.81 2.87
H12 MYA I . 5.28 -25.78 4.53
H12A MYA I . 3.51 -25.59 4.60
H13 MYA I . 5.15 -24.62 2.53
H13A MYA I . 3.47 -24.70 2.00
H13B MYA I . 4.75 -25.45 1.02
H14 MYA I . 5.32 -27.67 1.32
H14A MYA I . 5.27 -28.42 2.92
H14B MYA I . 6.32 -27.03 2.63
H1X MYA I . 7.69 -22.29 7.81
H2AA MYA I . 9.53 -20.42 4.26
H2X MYA I . 4.71 -22.50 8.57
HO2X MYA I . 5.05 -20.37 8.91
H3M MYA I . 10.38 -21.31 -1.95
H3MA MYA I . 9.30 -20.02 -1.39
H3X MYA I . 5.24 -22.91 10.58
H4M MYA I . 9.51 -22.70 0.02
H4MA MYA I . 8.79 -21.20 0.63
H4X MYA I . 7.25 -24.81 9.94
H5M MYA I . 11.72 -21.43 -0.16
H5MA MYA I . 10.93 -20.13 0.74
H5X MYA I . 4.50 -24.91 8.71
H5XA MYA I . 4.87 -25.30 10.42
HN6A MYA I . 4.89 -21.80 2.01
HN6B MYA I . 6.29 -21.39 1.08
H6M MYA I . 11.48 -22.95 1.65
H6MA MYA I . 10.29 -21.93 2.46
H7M MYA I . 11.97 -20.24 2.91
H7MA MYA I . 12.48 -21.81 3.55
H8A MYA I . 4.37 -23.58 6.52
H8M MYA I . 13.49 -20.55 0.97
H8MA MYA I . 14.01 -22.11 1.65
H9M MYA I . 14.63 -20.86 3.75
H9MA MYA I . 14.28 -19.35 2.90
HAM MYA I . 16.61 -19.58 2.70
HAMA MYA I . 16.02 -20.21 1.16
HBM MYA I . 16.15 -22.52 2.13
HBMA MYA I . 16.92 -21.82 3.56
HCM MYA I . 18.00 -21.41 0.78
HCMA MYA I . 18.47 -22.78 1.78
HDM MYA I . 19.25 -21.17 3.53
HDMA MYA I . 18.88 -19.83 2.42
HEM MYA I . 20.43 -20.79 0.77
HEMA MYA I . 20.78 -22.13 1.86
HFM MYA I . 22.09 -19.63 1.68
HFMA MYA I . 21.29 -19.70 3.26
HFMB MYA I . 22.43 -20.97 2.78
C1 EDO J . -2.94 -20.63 -9.77
O1 EDO J . -3.83 -19.54 -10.05
C2 EDO J . -2.93 -20.86 -8.28
O2 EDO J . -2.26 -19.78 -7.60
H11 EDO J . -3.29 -21.53 -10.28
H12 EDO J . -1.95 -20.39 -10.13
HO1 EDO J . -3.86 -19.38 -11.00
H21 EDO J . -2.40 -21.79 -8.06
H22 EDO J . -3.94 -20.95 -7.90
HO2 EDO J . -2.25 -19.95 -6.64
OH2 1PE K . 5.41 -18.17 -8.54
C12 1PE K . 4.59 -18.51 -9.66
C22 1PE K . 4.61 -17.47 -10.74
OH3 1PE K . 4.56 -16.17 -10.14
C13 1PE K . 3.71 -14.15 -11.05
C23 1PE K . 4.87 -15.11 -11.02
OH4 1PE K . 2.77 -14.44 -10.00
C14 1PE K . 0.63 -15.53 -9.45
C24 1PE K . 1.59 -15.08 -10.49
OH5 1PE K . 1.24 -16.20 -8.35
C15 1PE K . 0.62 -17.15 -6.19
C25 1PE K . 0.32 -17.04 -7.65
OH6 1PE K . 1.89 -17.75 -5.94
C16 1PE K . 3.39 -18.75 -4.36
C26 1PE K . 2.04 -18.12 -4.57
OH7 1PE K . 3.55 -19.23 -3.02
HO2 1PE K . 5.52 -18.87 -8.08
H121 1PE K . 4.91 -19.36 -10.04
H122 1PE K . 3.68 -18.63 -9.35
H221 1PE K . 5.42 -17.55 -11.26
H222 1PE K . 3.84 -17.57 -11.32
H131 1PE K . 4.04 -13.25 -10.92
H132 1PE K . 3.27 -14.22 -11.91
H231 1PE K . 5.66 -14.65 -10.70
H232 1PE K . 5.03 -15.44 -11.91
H141 1PE K . 0.11 -14.78 -9.11
H142 1PE K . 0.01 -16.16 -9.86
H241 1PE K . 1.14 -14.48 -11.11
H242 1PE K . 1.89 -15.87 -10.96
H151 1PE K . 0.61 -16.26 -5.82
H152 1PE K . -0.07 -17.68 -5.78
H251 1PE K . -0.58 -16.68 -7.76
H252 1PE K . 0.35 -17.93 -8.05
H161 1PE K . 3.50 -19.49 -4.98
H162 1PE K . 4.08 -18.08 -4.55
H261 1PE K . 1.96 -17.34 -4.02
H262 1PE K . 1.35 -18.76 -4.32
HO7 1PE K . 2.81 -19.09 -2.63
O1 PG4 L . 12.93 -26.01 14.16
C1 PG4 L . 13.56 -25.80 15.41
C2 PG4 L . 14.63 -24.75 15.33
O2 PG4 L . 15.84 -25.34 14.89
C3 PG4 L . 16.97 -25.04 15.71
C4 PG4 L . 18.00 -26.12 15.62
O3 PG4 L . 18.21 -26.45 14.24
C5 PG4 L . 19.14 -27.53 14.10
C6 PG4 L . 18.55 -28.84 14.50
O4 PG4 L . 17.66 -29.34 13.51
C7 PG4 L . 17.17 -30.58 13.98
C8 PG4 L . 16.31 -31.25 12.96
O5 PG4 L . 15.08 -30.57 12.84
HO1 PG4 L . 12.23 -26.46 14.32
H11 PG4 L . 12.90 -25.52 16.05
H12 PG4 L . 13.96 -26.63 15.71
H21 PG4 L . 14.36 -24.08 14.69
H22 PG4 L . 14.75 -24.35 16.20
H31 PG4 L . 16.69 -24.95 16.64
H32 PG4 L . 17.34 -24.20 15.41
H41 PG4 L . 17.68 -26.90 16.10
H42 PG4 L . 18.82 -25.81 16.01
H51 PG4 L . 19.43 -27.58 13.17
H52 PG4 L . 19.92 -27.35 14.66
H61 PG4 L . 18.08 -28.76 15.34
H62 PG4 L . 19.27 -29.48 14.62
H71 PG4 L . 16.66 -30.44 14.79
H72 PG4 L . 17.93 -31.16 14.19
H81 PG4 L . 16.15 -32.16 13.23
H82 PG4 L . 16.76 -31.24 12.10
HO5 PG4 L . 14.70 -30.86 12.13
CL CL M . 9.68 -26.96 13.47
#